data_7VYK
#
_entry.id   7VYK
#
loop_
_entity.id
_entity.type
_entity.pdbx_description
1 polymer 'Capsid protein VP1'
2 polymer 'Capsid protein VP2'
3 polymer 'Capsid protein VP3'
4 polymer 'Capsid protein VP4'
5 polymer 'Coxsackievirus and adenovirus receptor'
6 non-polymer 'PALMITIC ACID'
#
loop_
_entity_poly.entity_id
_entity_poly.type
_entity_poly.pdbx_seq_one_letter_code
_entity_poly.pdbx_strand_id
1 'polypeptide(L)'
;RVADTVGTGPTNSEAIPALTAAETGHTSQVVPGDTMQTRHVKNYHSRSESTIENFLCRSACVYFTEYENSGAKRYAEWVL
TPRQAAQLRRKLEFFTYVRFDLELTFVITSTQQPSTTQNQDAQILTHQIMYVPPGGPVPDKVDSYVWQTSTNPSVFWTEG
NAPPRMSIPFLSIGNAYSNFYDGWSEFSRNGVYGINTLNNMGTLYARHVNAGSTGPIKSTIRIYFKPKHVKAWIPRPPRL
CQYEKAKNVNFQPSGVTTTRQSITTMT
;
A
2 'polypeptide(L)'
;SPTVEECGYSDRARSITLGNSTITTQECANVVVGYGVWPDYLKDSEATAEDQPTQPDVATCRFYTLDSVQWQKTSPGWWW
KLPDALSNLGLFGQNMQYHYLGRTGYTVHVQCNASKFHQGCLLVVCVPEAEMGCATLDNTPSSAELLGGDSAKEFADKPV
ASGSNKLVQRVVYNAGMGVGVGNLTIFPHQWINLRTNNSATIVMPYTNSVPMDNMFRHNNVTLMVIPFVPLDYCPGSTTY
VPITVTIAPMCAEYNGLRLAGHQ
;
B
3 'polypeptide(L)'
;GLPTMNTPGSCQFLTSDDFQSPSAMPQYDVTPEMRIPGEVKNLMEIAEVDSVVPVQNVGEKVNSMEAYQIPVRSNEGSGT
QVFGFPLQPGYSSVFSRTLLGEILNYYTHWSGSIKLTFMFCGSAMATGKFLLAYSPPGAGAPTKRVDAMLGTHVVWDVGL
QSSCVLCIPWISQTHYRYVTSDEYTAGGFITCWYQTNIVVPADAQSSCYIMCFVSACNDFSVRLLKDTPFISQQNFFQ
;
C
4 'polypeptide(L)' MGAQVSTQKTGAHETGLNASGNSIIHYTNINYYKDAASNSANRQDFTQDPGKFTEPVKDIMIKSLPALN D
5 'polypeptide(L)'
;MSITTPEEMIEKAKGETAYLPCKFTLSPEDQGPLDIEWLISPADNQKVDQVIILYSGDKIYDDYYPDLKGRVHFTSNDLK
SGDASINVTNLQLSDIGTYQCKVKKAPGVANKKIHLVVLVKPSGARCYVDGSEEIGSDFKIKCEPKEGSLPLQYEWQKLS
DSQKMPTSWLAEMTSSVISVKNASSEYSGTYSCTVRNRVGSDQCLLRLNVVPPSNKALEHHHHHH
;
E
#
loop_
_chem_comp.id
_chem_comp.type
_chem_comp.name
_chem_comp.formula
PLM non-polymer 'PALMITIC ACID' 'C16 H32 O2'
#
# COMPACT_ATOMS: atom_id res chain seq x y z
N ARG A 1 12.30 22.49 10.51
CA ARG A 1 11.44 23.65 10.70
C ARG A 1 10.79 24.10 9.40
N VAL A 2 9.55 24.60 9.47
CA VAL A 2 8.82 24.93 8.21
C VAL A 2 9.30 26.27 7.63
N ALA A 3 9.07 26.47 6.32
CA ALA A 3 9.48 27.73 5.64
C ALA A 3 8.61 28.90 6.11
N ASP A 4 9.18 30.11 6.09
CA ASP A 4 8.43 31.32 6.52
C ASP A 4 7.81 31.99 5.28
N THR A 5 6.59 32.52 5.41
CA THR A 5 5.93 33.22 4.28
C THR A 5 6.61 34.59 4.06
N VAL A 6 6.82 34.98 2.80
CA VAL A 6 7.48 36.29 2.48
C VAL A 6 6.41 37.30 2.08
N GLY A 7 6.82 38.49 1.63
CA GLY A 7 5.86 39.52 1.29
C GLY A 7 6.01 39.94 -0.17
N THR A 8 4.90 39.92 -0.90
CA THR A 8 4.87 40.37 -2.27
C THR A 8 3.90 41.54 -2.40
N GLY A 9 3.86 42.13 -3.59
CA GLY A 9 3.00 43.26 -3.85
C GLY A 9 2.24 43.10 -5.14
N PRO A 10 1.69 44.19 -5.65
CA PRO A 10 0.95 44.11 -6.90
C PRO A 10 1.91 43.85 -8.06
N THR A 11 1.44 43.03 -9.01
CA THR A 11 2.33 42.60 -10.11
C THR A 11 1.58 42.54 -11.45
N ASN A 12 2.19 43.04 -12.52
CA ASN A 12 1.65 43.01 -13.87
C ASN A 12 2.79 42.62 -14.78
N SER A 13 2.85 41.35 -15.17
CA SER A 13 4.00 40.85 -15.91
C SER A 13 3.60 39.63 -16.72
N GLU A 14 4.56 39.07 -17.46
CA GLU A 14 4.26 37.90 -18.34
C GLU A 14 4.47 36.60 -17.56
N ALA A 15 5.00 36.67 -16.33
CA ALA A 15 5.27 35.44 -15.54
C ALA A 15 3.96 34.73 -15.24
N ILE A 16 3.95 33.39 -15.33
CA ILE A 16 2.71 32.60 -15.08
C ILE A 16 3.01 31.44 -14.12
N PRO A 17 3.20 31.67 -12.81
CA PRO A 17 3.41 30.58 -11.85
C PRO A 17 2.17 29.68 -11.74
N ALA A 18 0.97 30.26 -11.73
CA ALA A 18 -0.27 29.48 -11.56
C ALA A 18 -0.48 28.55 -12.77
N LEU A 19 -0.52 29.11 -13.99
CA LEU A 19 -0.78 28.28 -15.20
C LEU A 19 0.35 27.26 -15.37
N THR A 20 0.00 25.97 -15.49
CA THR A 20 1.02 24.91 -15.62
C THR A 20 0.40 23.68 -16.31
N ALA A 21 1.13 22.56 -16.38
CA ALA A 21 0.62 21.32 -16.98
C ALA A 21 0.65 20.18 -15.95
N ALA A 22 -0.52 19.62 -15.62
CA ALA A 22 -0.59 18.47 -14.69
C ALA A 22 -0.44 17.18 -15.48
N GLU A 23 -0.31 17.28 -16.80
CA GLU A 23 -0.03 16.06 -17.60
C GLU A 23 1.31 15.54 -17.06
N THR A 24 2.28 16.44 -16.89
CA THR A 24 3.56 16.03 -16.27
C THR A 24 3.27 15.78 -14.79
N GLY A 25 4.02 14.89 -14.15
CA GLY A 25 3.83 14.68 -12.70
C GLY A 25 4.10 15.98 -11.95
N HIS A 26 5.08 16.76 -12.41
CA HIS A 26 5.49 18.03 -11.74
C HIS A 26 4.44 18.71 -10.87
N THR A 27 4.31 18.29 -9.61
CA THR A 27 3.47 19.00 -8.60
C THR A 27 3.92 20.46 -8.51
N SER A 28 3.05 21.39 -8.93
CA SER A 28 3.34 22.85 -8.93
C SER A 28 3.92 23.27 -7.58
N GLN A 29 5.08 23.93 -7.60
CA GLN A 29 5.76 24.40 -6.35
C GLN A 29 5.44 25.87 -6.12
N VAL A 30 4.16 26.21 -6.26
CA VAL A 30 3.73 27.61 -6.06
C VAL A 30 3.44 27.84 -4.58
N VAL A 31 3.53 29.08 -4.14
CA VAL A 31 3.29 29.47 -2.76
C VAL A 31 2.24 30.58 -2.80
N PRO A 32 1.54 30.89 -1.71
CA PRO A 32 0.48 31.90 -1.80
C PRO A 32 0.95 33.24 -2.32
N GLY A 33 2.21 33.60 -2.10
CA GLY A 33 2.68 34.88 -2.56
C GLY A 33 2.70 35.08 -4.05
N ASP A 34 2.33 34.05 -4.83
CA ASP A 34 2.33 34.15 -6.28
C ASP A 34 0.97 34.53 -6.86
N THR A 35 -0.11 34.37 -6.10
CA THR A 35 -1.45 34.66 -6.59
C THR A 35 -2.17 35.67 -5.71
N MET A 36 -1.46 36.43 -4.88
CA MET A 36 -2.06 37.44 -4.03
C MET A 36 -0.93 38.21 -3.36
N GLN A 37 -1.30 39.28 -2.66
CA GLN A 37 -0.35 40.04 -1.85
C GLN A 37 -0.29 39.44 -0.47
N THR A 38 0.92 39.17 0.01
CA THR A 38 1.11 38.59 1.32
C THR A 38 2.01 39.48 2.17
N ARG A 39 1.92 39.30 3.47
CA ARG A 39 2.81 39.94 4.42
C ARG A 39 3.88 38.96 4.86
N HIS A 40 4.98 39.51 5.36
CA HIS A 40 6.05 38.66 5.86
C HIS A 40 5.64 38.07 7.20
N VAL A 41 5.71 36.73 7.29
CA VAL A 41 5.29 36.03 8.55
C VAL A 41 6.34 34.97 8.88
N LYS A 42 7.11 35.17 9.95
CA LYS A 42 8.08 34.13 10.37
C LYS A 42 7.30 32.91 10.87
N ASN A 43 7.73 31.71 10.48
CA ASN A 43 6.99 30.46 10.85
C ASN A 43 7.88 29.60 11.76
N TYR A 44 7.52 29.50 13.03
CA TYR A 44 8.35 28.72 14.01
C TYR A 44 7.80 27.30 14.14
N HIS A 45 6.80 26.95 13.32
CA HIS A 45 6.26 25.57 13.34
C HIS A 45 7.37 24.63 12.87
N SER A 46 7.49 23.46 13.48
CA SER A 46 8.59 22.53 13.11
C SER A 46 8.01 21.21 12.62
N ARG A 47 8.50 20.68 11.49
CA ARG A 47 8.03 19.36 11.00
C ARG A 47 8.75 18.25 11.79
N SER A 48 8.38 18.05 13.06
CA SER A 48 9.09 17.07 13.92
C SER A 48 8.23 15.82 14.18
N GLU A 49 6.94 15.99 14.52
CA GLU A 49 6.09 14.83 14.92
C GLU A 49 5.72 13.98 13.70
N SER A 50 5.98 14.47 12.49
CA SER A 50 5.54 13.74 11.27
C SER A 50 6.60 12.74 10.78
N THR A 51 7.77 12.68 11.39
CA THR A 51 8.85 11.78 10.88
C THR A 51 8.42 10.32 11.03
N ILE A 52 8.95 9.42 10.18
CA ILE A 52 8.53 7.98 10.21
C ILE A 52 8.80 7.36 11.59
N GLU A 53 9.88 7.77 12.28
CA GLU A 53 10.18 7.24 13.60
C GLU A 53 9.09 7.61 14.60
N ASN A 54 8.72 8.89 14.66
CA ASN A 54 7.65 9.27 15.58
C ASN A 54 6.30 8.69 15.14
N PHE A 55 6.16 8.34 13.87
CA PHE A 55 4.89 7.79 13.39
C PHE A 55 4.74 6.34 13.80
N LEU A 56 5.79 5.55 13.66
CA LEU A 56 5.69 4.11 13.86
C LEU A 56 6.10 3.64 15.24
N CYS A 57 6.94 4.38 15.95
CA CYS A 57 7.53 3.92 17.21
C CYS A 57 6.56 4.17 18.36
N ARG A 58 5.55 3.31 18.46
CA ARG A 58 4.63 3.28 19.59
C ARG A 58 4.10 1.86 19.73
N SER A 59 3.99 1.38 20.97
CA SER A 59 3.57 0.00 21.19
C SER A 59 2.14 -0.20 20.71
N ALA A 60 1.85 -1.41 20.23
CA ALA A 60 0.56 -1.71 19.63
C ALA A 60 0.26 -3.19 19.75
N CYS A 61 -0.86 -3.54 20.36
CA CYS A 61 -1.19 -4.94 20.56
C CYS A 61 -1.41 -5.64 19.23
N VAL A 62 -0.79 -6.81 19.07
CA VAL A 62 -0.87 -7.55 17.83
C VAL A 62 -1.56 -8.91 18.00
N TYR A 63 -1.58 -9.45 19.22
CA TYR A 63 -2.25 -10.76 19.47
C TYR A 63 -2.38 -11.05 20.97
N PHE A 64 -3.55 -11.52 21.40
CA PHE A 64 -3.78 -11.93 22.81
C PHE A 64 -4.39 -13.34 22.81
N THR A 65 -3.83 -14.26 23.60
CA THR A 65 -4.34 -15.65 23.65
C THR A 65 -4.47 -16.14 25.10
N GLU A 66 -5.10 -17.29 25.31
CA GLU A 66 -5.31 -17.85 26.64
C GLU A 66 -4.64 -19.20 26.79
N TYR A 67 -4.46 -19.61 28.04
CA TYR A 67 -4.11 -20.99 28.39
C TYR A 67 -4.60 -21.24 29.80
N GLU A 68 -4.55 -22.49 30.22
CA GLU A 68 -5.05 -22.89 31.52
C GLU A 68 -3.94 -23.49 32.36
N ASN A 69 -4.30 -23.96 33.56
CA ASN A 69 -3.38 -24.71 34.40
C ASN A 69 -3.89 -26.12 34.67
N SER A 70 -4.87 -26.59 33.89
CA SER A 70 -5.44 -27.91 34.04
C SER A 70 -6.29 -28.19 32.82
N GLY A 71 -6.40 -29.46 32.48
CA GLY A 71 -7.24 -29.86 31.37
C GLY A 71 -6.51 -30.12 30.07
N ALA A 72 -7.06 -29.66 28.96
CA ALA A 72 -6.52 -29.98 27.65
C ALA A 72 -5.63 -28.86 27.12
N LYS A 73 -6.12 -27.62 27.14
CA LYS A 73 -5.35 -26.49 26.66
C LYS A 73 -4.45 -26.01 27.79
N ARG A 74 -3.20 -26.44 27.78
CA ARG A 74 -2.26 -26.13 28.85
C ARG A 74 -1.15 -25.19 28.43
N TYR A 75 -1.01 -24.91 27.14
CA TYR A 75 -0.01 -23.96 26.68
C TYR A 75 -0.54 -23.28 25.43
N ALA A 76 0.09 -22.16 25.07
CA ALA A 76 -0.35 -21.37 23.94
C ALA A 76 0.77 -21.19 22.93
N GLU A 77 0.40 -21.04 21.66
CA GLU A 77 1.37 -20.87 20.60
C GLU A 77 0.86 -19.85 19.60
N TRP A 78 1.80 -19.16 18.94
CA TRP A 78 1.42 -18.13 17.93
C TRP A 78 2.59 -17.84 16.99
N VAL A 79 2.43 -18.11 15.69
CA VAL A 79 3.49 -17.76 14.71
C VAL A 79 3.60 -16.23 14.69
N LEU A 80 4.83 -15.70 14.71
CA LEU A 80 5.01 -14.22 14.78
C LEU A 80 4.54 -13.58 13.48
N THR A 81 3.53 -12.71 13.55
CA THR A 81 3.02 -11.99 12.35
C THR A 81 2.32 -10.71 12.79
N PRO A 82 2.61 -9.55 12.18
CA PRO A 82 1.97 -8.27 12.57
C PRO A 82 0.63 -8.06 11.84
N ARG A 83 0.21 -9.01 11.00
CA ARG A 83 -1.02 -8.82 10.19
C ARG A 83 -2.26 -9.34 10.92
N GLN A 84 -2.09 -9.83 12.16
CA GLN A 84 -3.24 -10.31 12.96
C GLN A 84 -4.18 -9.14 13.28
N ALA A 85 -3.63 -7.96 13.60
CA ALA A 85 -4.46 -6.78 13.96
C ALA A 85 -4.66 -5.90 12.72
N ALA A 86 -5.43 -4.81 12.86
CA ALA A 86 -5.67 -3.90 11.72
C ALA A 86 -4.91 -2.58 11.89
N GLN A 87 -4.90 -2.01 13.09
CA GLN A 87 -4.26 -0.68 13.31
C GLN A 87 -2.76 -0.69 13.01
N LEU A 88 -2.02 -1.68 13.52
CA LEU A 88 -0.55 -1.75 13.24
C LEU A 88 -0.30 -2.06 11.77
N ARG A 89 -1.10 -2.98 11.20
CA ARG A 89 -0.94 -3.40 9.78
C ARG A 89 -1.19 -2.21 8.85
N ARG A 90 -2.29 -1.48 9.04
CA ARG A 90 -2.58 -0.35 8.12
C ARG A 90 -1.42 0.66 8.12
N LYS A 91 -0.90 1.02 9.29
CA LYS A 91 0.21 2.01 9.40
C LYS A 91 1.45 1.49 8.68
N LEU A 92 1.77 0.21 8.84
CA LEU A 92 2.97 -0.38 8.18
C LEU A 92 2.76 -0.49 6.67
N GLU A 93 1.51 -0.58 6.20
CA GLU A 93 1.27 -0.73 4.78
C GLU A 93 1.14 0.61 4.06
N PHE A 94 1.74 1.65 4.60
CA PHE A 94 1.98 2.88 3.86
C PHE A 94 3.21 2.79 2.98
N PHE A 95 4.06 1.79 3.19
CA PHE A 95 5.33 1.65 2.51
C PHE A 95 5.46 0.25 1.95
N THR A 96 6.31 0.09 0.95
CA THR A 96 6.52 -1.23 0.36
C THR A 96 7.53 -2.02 1.16
N TYR A 97 8.68 -1.42 1.47
CA TYR A 97 9.74 -2.08 2.22
C TYR A 97 10.07 -1.27 3.46
N VAL A 98 10.15 -1.98 4.58
CA VAL A 98 10.49 -1.37 5.90
C VAL A 98 11.63 -2.17 6.51
N ARG A 99 12.46 -1.52 7.33
CA ARG A 99 13.59 -2.16 7.99
C ARG A 99 13.70 -1.55 9.38
N PHE A 100 13.39 -2.33 10.41
CA PHE A 100 13.36 -1.75 11.77
C PHE A 100 13.70 -2.78 12.86
N ASP A 101 14.30 -2.33 13.97
CA ASP A 101 14.53 -3.24 15.13
C ASP A 101 13.20 -3.33 15.87
N LEU A 102 12.98 -4.41 16.64
CA LEU A 102 11.65 -4.57 17.29
C LEU A 102 11.79 -4.63 18.81
N GLU A 103 10.95 -3.91 19.55
CA GLU A 103 10.97 -4.03 21.04
C GLU A 103 9.72 -4.82 21.43
N LEU A 104 9.88 -5.92 22.17
CA LEU A 104 8.71 -6.79 22.48
C LEU A 104 8.28 -6.61 23.93
N THR A 105 6.98 -6.44 24.18
CA THR A 105 6.47 -6.35 25.57
C THR A 105 5.29 -7.33 25.72
N PHE A 106 5.13 -7.94 26.89
CA PHE A 106 4.07 -8.90 27.16
C PHE A 106 3.27 -8.42 28.36
N VAL A 107 1.96 -8.74 28.37
CA VAL A 107 1.08 -8.42 29.53
C VAL A 107 0.34 -9.71 29.89
N ILE A 108 0.71 -10.36 31.00
CA ILE A 108 0.09 -11.67 31.36
C ILE A 108 -0.81 -11.50 32.58
N THR A 109 -2.09 -11.88 32.47
CA THR A 109 -3.04 -11.75 33.60
C THR A 109 -3.84 -13.05 33.76
N SER A 110 -4.05 -13.49 35.01
CA SER A 110 -4.79 -14.74 35.29
C SER A 110 -6.18 -14.43 35.84
N THR A 111 -7.09 -15.41 35.79
CA THR A 111 -8.49 -15.26 36.30
C THR A 111 -8.99 -16.59 36.83
N GLN A 112 -9.51 -16.62 38.05
CA GLN A 112 -10.02 -17.85 38.65
C GLN A 112 -11.34 -18.25 38.02
N GLN A 113 -11.39 -19.44 37.44
CA GLN A 113 -12.55 -19.87 36.67
C GLN A 113 -13.59 -20.53 37.57
N PRO A 114 -14.86 -20.52 37.15
CA PRO A 114 -15.91 -21.12 37.98
C PRO A 114 -15.74 -22.62 38.12
N SER A 115 -15.84 -23.10 39.36
CA SER A 115 -15.75 -24.52 39.65
C SER A 115 -16.46 -24.78 40.98
N THR A 116 -16.29 -25.98 41.51
CA THR A 116 -16.94 -26.37 42.75
C THR A 116 -15.97 -26.97 43.76
N THR A 117 -14.68 -26.77 43.55
CA THR A 117 -13.69 -27.32 44.51
C THR A 117 -13.68 -26.48 45.79
N GLN A 118 -13.19 -27.03 46.89
CA GLN A 118 -13.21 -26.19 48.10
C GLN A 118 -11.78 -25.92 48.55
N ASN A 119 -11.63 -25.01 49.51
CA ASN A 119 -10.35 -24.70 50.14
C ASN A 119 -9.28 -24.44 49.08
N GLN A 120 -9.49 -23.39 48.30
CA GLN A 120 -8.55 -22.99 47.26
C GLN A 120 -7.73 -21.82 47.81
N ASP A 121 -6.48 -22.11 48.15
CA ASP A 121 -5.54 -21.09 48.61
C ASP A 121 -4.35 -21.13 47.65
N ALA A 122 -4.39 -20.29 46.63
CA ALA A 122 -3.43 -20.35 45.54
C ALA A 122 -2.10 -19.72 45.94
N GLN A 123 -1.07 -20.06 45.19
CA GLN A 123 0.26 -19.49 45.31
C GLN A 123 0.55 -18.60 44.10
N ILE A 124 1.69 -17.91 44.14
CA ILE A 124 2.04 -17.02 43.05
C ILE A 124 2.35 -17.84 41.81
N LEU A 125 1.86 -17.39 40.67
CA LEU A 125 2.06 -18.11 39.41
C LEU A 125 3.29 -17.56 38.69
N THR A 126 4.10 -18.47 38.19
CA THR A 126 5.23 -18.12 37.32
C THR A 126 4.93 -18.62 35.92
N HIS A 127 5.20 -17.76 34.94
CA HIS A 127 4.92 -18.09 33.52
C HIS A 127 6.22 -18.08 32.71
N GLN A 128 6.35 -19.01 31.77
CA GLN A 128 7.57 -19.08 30.91
C GLN A 128 7.18 -18.81 29.45
N ILE A 129 7.83 -17.84 28.80
CA ILE A 129 7.59 -17.56 27.36
C ILE A 129 8.82 -18.03 26.57
N MET A 130 8.62 -18.87 25.55
CA MET A 130 9.77 -19.45 24.80
C MET A 130 9.61 -19.18 23.30
N TYR A 131 10.71 -18.86 22.61
CA TYR A 131 10.66 -18.62 21.15
C TYR A 131 11.31 -19.79 20.39
N VAL A 132 10.66 -20.27 19.33
CA VAL A 132 11.24 -21.35 18.48
C VAL A 132 11.57 -20.74 17.11
N PRO A 133 12.84 -20.78 16.65
CA PRO A 133 13.22 -20.25 15.33
C PRO A 133 12.70 -21.15 14.21
N PRO A 134 12.51 -20.64 12.97
CA PRO A 134 12.07 -21.47 11.84
C PRO A 134 12.92 -22.73 11.68
N GLY A 135 12.53 -23.84 12.33
CA GLY A 135 13.29 -25.10 12.21
C GLY A 135 13.54 -25.74 13.57
N GLY A 136 13.33 -24.98 14.66
CA GLY A 136 13.58 -25.50 16.02
C GLY A 136 12.52 -26.51 16.44
N PRO A 137 12.82 -27.41 17.41
CA PRO A 137 11.83 -28.37 17.92
C PRO A 137 10.67 -27.64 18.62
N VAL A 138 9.44 -28.16 18.46
CA VAL A 138 8.24 -27.51 19.05
C VAL A 138 7.68 -28.42 20.15
N PRO A 139 7.21 -27.89 21.30
CA PRO A 139 6.75 -28.75 22.40
C PRO A 139 5.45 -29.48 22.08
N ASP A 140 5.45 -30.81 22.13
CA ASP A 140 4.22 -31.61 21.91
C ASP A 140 3.24 -31.36 23.06
N LYS A 141 3.74 -31.30 24.30
CA LYS A 141 2.85 -31.17 25.49
C LYS A 141 3.40 -30.10 26.43
N VAL A 142 2.84 -29.99 27.64
CA VAL A 142 3.27 -28.96 28.58
C VAL A 142 4.43 -29.41 29.45
N ASP A 143 4.83 -30.68 29.37
CA ASP A 143 5.94 -31.19 30.16
C ASP A 143 7.02 -31.81 29.29
N SER A 144 7.06 -31.33 28.04
CA SER A 144 8.04 -31.79 27.02
C SER A 144 9.45 -31.30 27.37
N TYR A 145 10.46 -32.03 26.89
CA TYR A 145 11.89 -31.71 27.17
C TYR A 145 12.32 -30.49 26.36
N VAL A 146 11.42 -29.95 25.53
CA VAL A 146 11.76 -28.76 24.69
C VAL A 146 12.01 -27.54 25.59
N TRP A 147 11.23 -27.39 26.66
CA TRP A 147 11.31 -26.23 27.59
C TRP A 147 12.68 -26.09 28.27
N GLN A 148 13.59 -27.02 28.03
CA GLN A 148 14.94 -26.94 28.66
C GLN A 148 15.64 -25.67 28.18
N THR A 149 15.16 -25.11 27.05
CA THR A 149 15.67 -23.86 26.42
C THR A 149 17.20 -23.76 26.50
N SER A 150 17.92 -24.77 26.01
CA SER A 150 19.40 -24.74 26.02
C SER A 150 19.89 -23.59 25.14
N THR A 151 19.30 -23.45 23.94
CA THR A 151 19.73 -22.40 22.98
C THR A 151 18.58 -21.43 22.63
N ASN A 152 17.33 -21.90 22.62
CA ASN A 152 16.23 -21.00 22.30
C ASN A 152 16.15 -19.92 23.36
N PRO A 153 15.92 -18.65 22.99
CA PRO A 153 15.75 -17.61 24.00
C PRO A 153 14.40 -17.74 24.69
N SER A 154 14.40 -17.62 26.01
CA SER A 154 13.18 -17.75 26.79
C SER A 154 13.19 -16.70 27.89
N VAL A 155 12.05 -16.56 28.57
CA VAL A 155 11.93 -15.58 29.65
C VAL A 155 10.96 -16.12 30.69
N PHE A 156 11.28 -15.92 31.96
CA PHE A 156 10.47 -16.34 33.09
C PHE A 156 9.97 -15.12 33.84
N TRP A 157 8.71 -15.17 34.27
CA TRP A 157 8.10 -13.99 34.90
C TRP A 157 7.25 -14.44 36.08
N THR A 158 7.39 -13.75 37.21
CA THR A 158 6.63 -14.03 38.41
C THR A 158 5.56 -12.97 38.58
N GLU A 159 4.30 -13.41 38.67
CA GLU A 159 3.16 -12.52 38.62
C GLU A 159 3.23 -11.44 39.69
N GLY A 160 3.28 -10.18 39.25
CA GLY A 160 3.23 -9.09 40.21
C GLY A 160 4.22 -7.98 39.95
N ASN A 161 5.19 -8.22 39.07
CA ASN A 161 6.24 -7.17 38.83
C ASN A 161 5.96 -6.44 37.52
N ALA A 162 6.91 -5.61 37.07
CA ALA A 162 6.79 -4.89 35.82
C ALA A 162 6.82 -5.88 34.66
N PRO A 163 6.11 -5.60 33.57
CA PRO A 163 5.99 -6.58 32.49
C PRO A 163 7.34 -6.93 31.89
N PRO A 164 7.45 -8.11 31.19
CA PRO A 164 8.78 -8.37 30.65
C PRO A 164 9.04 -7.78 29.26
N ARG A 165 10.13 -7.03 29.10
CA ARG A 165 10.46 -6.43 27.81
C ARG A 165 11.83 -6.83 27.26
N MET A 166 11.91 -7.22 25.99
CA MET A 166 13.18 -7.58 25.35
C MET A 166 13.31 -6.93 23.98
N SER A 167 14.53 -6.73 23.51
CA SER A 167 14.73 -6.05 22.23
C SER A 167 15.26 -6.99 21.16
N ILE A 168 14.66 -6.96 19.98
CA ILE A 168 15.03 -7.89 18.92
C ILE A 168 15.68 -7.19 17.71
N PRO A 169 16.86 -7.67 17.28
CA PRO A 169 17.56 -7.10 16.11
C PRO A 169 16.87 -7.40 14.78
N PHE A 170 17.02 -6.54 13.77
CA PHE A 170 16.47 -6.81 12.43
C PHE A 170 16.76 -8.25 11.98
N LEU A 171 15.76 -9.11 11.99
CA LEU A 171 15.94 -10.54 11.60
C LEU A 171 15.40 -10.73 10.19
N SER A 172 16.25 -10.86 9.18
CA SER A 172 15.78 -11.14 7.83
C SER A 172 16.95 -11.60 6.99
N ILE A 173 16.65 -12.45 6.00
CA ILE A 173 17.65 -12.84 5.03
C ILE A 173 17.74 -11.82 3.90
N GLY A 174 16.74 -10.97 3.74
CA GLY A 174 16.76 -9.91 2.76
C GLY A 174 17.38 -8.65 3.33
N ASN A 175 17.17 -7.55 2.62
CA ASN A 175 17.70 -6.26 3.01
C ASN A 175 16.63 -5.32 3.54
N ALA A 176 15.39 -5.79 3.63
CA ALA A 176 14.25 -5.01 4.09
C ALA A 176 13.07 -5.95 4.20
N TYR A 177 12.24 -5.75 5.21
CA TYR A 177 10.98 -6.47 5.28
C TYR A 177 10.10 -6.04 4.12
N SER A 178 9.34 -6.97 3.58
CA SER A 178 8.46 -6.68 2.46
C SER A 178 7.02 -6.77 2.92
N ASN A 179 6.30 -5.64 2.87
CA ASN A 179 4.87 -5.63 3.27
C ASN A 179 4.04 -6.25 2.14
N PHE A 180 4.41 -5.98 0.89
CA PHE A 180 3.66 -6.53 -0.28
C PHE A 180 4.58 -7.33 -1.19
N TYR A 181 4.16 -8.55 -1.57
CA TYR A 181 4.95 -9.36 -2.53
C TYR A 181 4.04 -9.77 -3.69
N ASP A 182 4.42 -9.45 -4.93
CA ASP A 182 3.62 -9.89 -6.10
C ASP A 182 4.34 -11.05 -6.78
N GLY A 183 3.95 -12.29 -6.48
CA GLY A 183 4.65 -13.46 -7.05
C GLY A 183 4.33 -14.75 -6.31
N TRP A 184 5.08 -15.82 -6.60
CA TRP A 184 4.84 -17.14 -5.97
C TRP A 184 6.15 -17.67 -5.38
N SER A 185 6.06 -18.64 -4.44
CA SER A 185 7.28 -19.30 -3.91
C SER A 185 7.79 -20.34 -4.91
N GLU A 186 6.88 -21.02 -5.62
CA GLU A 186 7.25 -22.07 -6.60
C GLU A 186 7.44 -21.46 -7.99
N PHE A 187 8.45 -21.91 -8.73
CA PHE A 187 8.69 -21.40 -10.11
C PHE A 187 7.52 -21.77 -11.03
N SER A 188 7.00 -23.00 -10.93
CA SER A 188 5.89 -23.46 -11.82
C SER A 188 4.69 -22.51 -11.74
N ARG A 189 4.71 -21.58 -10.79
CA ARG A 189 3.63 -20.55 -10.60
C ARG A 189 2.29 -21.24 -10.35
N ASN A 190 2.23 -22.09 -9.32
CA ASN A 190 0.98 -22.81 -8.95
C ASN A 190 1.11 -23.22 -7.47
N GLY A 191 0.67 -22.36 -6.55
CA GLY A 191 0.80 -22.61 -5.13
C GLY A 191 0.32 -21.43 -4.32
N VAL A 192 1.12 -21.04 -3.32
CA VAL A 192 0.75 -19.87 -2.46
C VAL A 192 1.16 -18.60 -3.20
N TYR A 193 0.21 -17.68 -3.40
CA TYR A 193 0.53 -16.38 -4.05
C TYR A 193 0.46 -15.30 -2.98
N GLY A 194 1.50 -14.46 -2.86
CA GLY A 194 1.40 -13.31 -1.93
C GLY A 194 2.57 -13.20 -0.97
N ILE A 195 2.44 -12.32 0.03
CA ILE A 195 3.52 -12.10 1.03
C ILE A 195 3.76 -13.39 1.84
N ASN A 196 2.69 -14.15 2.14
CA ASN A 196 2.82 -15.42 2.91
C ASN A 196 4.09 -16.16 2.47
N THR A 197 4.39 -16.17 1.17
CA THR A 197 5.59 -16.88 0.65
C THR A 197 6.85 -16.40 1.38
N LEU A 198 7.04 -15.07 1.48
CA LEU A 198 8.27 -14.51 2.10
C LEU A 198 8.34 -14.70 3.62
N ASN A 199 7.22 -14.55 4.34
CA ASN A 199 7.23 -14.56 5.85
C ASN A 199 7.87 -15.81 6.47
N ASN A 200 8.79 -15.63 7.44
CA ASN A 200 9.32 -16.81 8.17
C ASN A 200 9.79 -16.28 9.52
N MET A 201 8.88 -16.04 10.46
CA MET A 201 9.32 -15.38 11.74
C MET A 201 9.36 -16.32 12.95
N GLY A 202 9.08 -17.62 12.76
CA GLY A 202 9.15 -18.58 13.88
C GLY A 202 7.87 -18.64 14.69
N THR A 203 7.89 -19.30 15.86
CA THR A 203 6.66 -19.48 16.68
C THR A 203 6.96 -19.09 18.13
N LEU A 204 5.93 -18.60 18.86
CA LEU A 204 6.12 -18.18 20.28
C LEU A 204 5.25 -19.05 21.19
N TYR A 205 5.82 -19.57 22.28
CA TYR A 205 5.07 -20.48 23.19
C TYR A 205 5.02 -19.90 24.61
N ALA A 206 3.84 -19.90 25.24
CA ALA A 206 3.69 -19.38 26.63
C ALA A 206 2.96 -20.41 27.50
N ARG A 207 3.33 -20.51 28.79
CA ARG A 207 2.71 -21.56 29.65
C ARG A 207 2.91 -21.28 31.15
N HIS A 208 2.23 -22.03 32.01
CA HIS A 208 2.39 -21.94 33.46
C HIS A 208 3.51 -22.87 33.90
N VAL A 209 4.51 -22.33 34.60
CA VAL A 209 5.59 -23.20 35.15
C VAL A 209 4.97 -24.09 36.25
N ASN A 210 4.13 -23.52 37.11
CA ASN A 210 3.50 -24.26 38.19
C ASN A 210 1.98 -24.14 38.11
N ALA A 211 1.28 -25.06 38.78
CA ALA A 211 -0.20 -25.02 38.82
C ALA A 211 -0.61 -23.87 39.75
N GLY A 212 -0.19 -23.95 41.02
CA GLY A 212 -0.42 -22.92 42.04
C GLY A 212 -1.66 -23.08 42.90
N SER A 213 -2.58 -23.99 42.54
CA SER A 213 -3.82 -24.20 43.34
C SER A 213 -4.54 -25.49 42.90
N THR A 214 -5.67 -25.79 43.54
CA THR A 214 -6.47 -26.99 43.17
C THR A 214 -7.60 -26.58 42.22
N GLY A 215 -7.92 -25.29 42.15
CA GLY A 215 -9.01 -24.86 41.32
C GLY A 215 -8.51 -24.37 39.98
N PRO A 216 -9.39 -24.26 39.00
CA PRO A 216 -8.96 -23.85 37.67
C PRO A 216 -8.64 -22.36 37.58
N ILE A 217 -7.68 -22.03 36.73
CA ILE A 217 -7.23 -20.68 36.50
C ILE A 217 -6.89 -20.55 35.03
N LYS A 218 -7.33 -19.47 34.40
CA LYS A 218 -7.07 -19.22 32.99
C LYS A 218 -6.26 -17.95 32.88
N SER A 219 -5.08 -18.07 32.25
CA SER A 219 -4.17 -16.92 32.03
C SER A 219 -4.30 -16.45 30.58
N THR A 220 -4.05 -15.17 30.35
CA THR A 220 -4.12 -14.56 29.03
C THR A 220 -2.88 -13.72 28.83
N ILE A 221 -2.31 -13.79 27.63
CA ILE A 221 -1.11 -13.05 27.29
C ILE A 221 -1.41 -12.15 26.10
N ARG A 222 -0.97 -10.89 26.20
CA ARG A 222 -1.10 -9.90 25.14
C ARG A 222 0.29 -9.46 24.72
N ILE A 223 0.52 -9.40 23.41
CA ILE A 223 1.83 -9.13 22.85
C ILE A 223 1.84 -7.73 22.25
N TYR A 224 2.91 -6.97 22.49
CA TYR A 224 3.00 -5.59 22.05
C TYR A 224 4.29 -5.36 21.27
N PHE A 225 4.15 -4.89 20.03
CA PHE A 225 5.25 -4.60 19.12
C PHE A 225 5.58 -3.11 19.15
N LYS A 226 6.87 -2.79 19.14
CA LYS A 226 7.30 -1.40 18.96
C LYS A 226 8.45 -1.34 17.96
N PRO A 227 8.25 -0.78 16.78
CA PRO A 227 9.35 -0.65 15.82
C PRO A 227 10.30 0.46 16.21
N LYS A 228 11.59 0.14 16.24
CA LYS A 228 12.66 1.07 16.56
C LYS A 228 13.59 1.20 15.37
N HIS A 229 14.27 2.33 15.29
CA HIS A 229 15.31 2.56 14.29
C HIS A 229 14.78 2.28 12.88
N VAL A 230 13.70 2.96 12.51
CA VAL A 230 12.92 2.60 11.33
C VAL A 230 13.50 3.21 10.08
N LYS A 231 13.49 2.44 9.00
CA LYS A 231 13.77 2.92 7.64
C LYS A 231 12.65 2.43 6.75
N ALA A 232 12.25 3.25 5.77
CA ALA A 232 11.10 2.92 4.94
C ALA A 232 11.30 3.44 3.54
N TRP A 233 10.78 2.72 2.55
CA TRP A 233 10.99 3.02 1.14
C TRP A 233 9.71 2.90 0.35
N ILE A 234 9.61 3.66 -0.74
CA ILE A 234 8.54 3.56 -1.74
C ILE A 234 7.15 3.65 -1.11
N PRO A 235 6.57 4.86 -0.83
CA PRO A 235 5.27 4.92 -0.16
C PRO A 235 4.11 4.48 -1.08
N ARG A 236 3.00 4.03 -0.50
CA ARG A 236 1.84 3.56 -1.29
C ARG A 236 0.54 4.01 -0.61
N PRO A 237 -0.62 4.09 -1.32
CA PRO A 237 -1.86 4.62 -0.73
C PRO A 237 -2.48 3.79 0.41
N PRO A 238 -3.15 4.43 1.39
CA PRO A 238 -3.76 3.73 2.54
C PRO A 238 -4.93 2.80 2.19
N ARG A 239 -5.16 1.77 3.00
CA ARG A 239 -6.21 0.75 2.71
C ARG A 239 -7.62 1.32 2.85
N LEU A 240 -8.42 1.28 1.78
CA LEU A 240 -9.83 1.75 1.79
C LEU A 240 -10.73 0.61 2.27
N CYS A 241 -10.70 -0.53 1.57
CA CYS A 241 -11.53 -1.71 1.90
C CYS A 241 -11.08 -2.31 3.24
N GLN A 242 -12.03 -2.84 4.03
CA GLN A 242 -11.71 -3.45 5.35
C GLN A 242 -10.94 -4.77 5.12
N TYR A 243 -10.07 -5.14 6.05
CA TYR A 243 -9.26 -6.38 5.91
C TYR A 243 -10.14 -7.61 6.10
N GLU A 244 -9.79 -8.73 5.47
CA GLU A 244 -10.58 -9.98 5.57
C GLU A 244 -9.73 -11.10 6.16
N LYS A 245 -8.55 -11.35 5.58
CA LYS A 245 -7.68 -12.42 6.04
C LYS A 245 -6.32 -11.86 6.43
N ALA A 246 -5.50 -12.71 7.04
CA ALA A 246 -4.17 -12.33 7.48
C ALA A 246 -3.08 -12.71 6.51
N LYS A 247 -3.37 -13.58 5.55
CA LYS A 247 -2.35 -14.05 4.63
C LYS A 247 -2.31 -13.29 3.32
N ASN A 248 -3.40 -12.60 2.96
CA ASN A 248 -3.52 -12.03 1.63
C ASN A 248 -4.19 -10.67 1.72
N VAL A 249 -4.35 -10.04 0.57
CA VAL A 249 -4.94 -8.72 0.49
C VAL A 249 -6.39 -8.77 -0.02
N ASN A 250 -7.01 -9.95 0.13
CA ASN A 250 -8.41 -10.18 -0.31
C ASN A 250 -9.31 -9.12 0.33
N PHE A 251 -10.18 -8.50 -0.47
CA PHE A 251 -11.04 -7.38 0.03
C PHE A 251 -12.41 -7.44 -0.64
N GLN A 252 -13.33 -6.60 -0.19
CA GLN A 252 -14.66 -6.49 -0.85
C GLN A 252 -14.76 -5.09 -1.44
N PRO A 253 -15.12 -4.91 -2.73
CA PRO A 253 -15.13 -3.58 -3.35
C PRO A 253 -16.08 -2.65 -2.58
N SER A 254 -15.64 -1.42 -2.33
CA SER A 254 -16.47 -0.48 -1.51
C SER A 254 -16.45 0.91 -2.15
N GLY A 255 -17.32 1.80 -1.67
CA GLY A 255 -17.38 3.18 -2.19
C GLY A 255 -16.09 3.94 -1.97
N VAL A 256 -15.69 4.73 -2.96
CA VAL A 256 -14.49 5.57 -2.95
C VAL A 256 -14.50 6.54 -1.77
N THR A 257 -15.70 6.98 -1.42
CA THR A 257 -15.85 7.89 -0.26
C THR A 257 -17.32 7.88 0.14
N THR A 258 -17.69 8.72 1.10
CA THR A 258 -19.11 8.82 1.53
C THR A 258 -19.82 9.79 0.59
N THR A 259 -21.15 9.78 0.62
CA THR A 259 -21.94 10.62 -0.32
C THR A 259 -22.57 11.81 0.40
N ARG A 260 -22.84 12.89 -0.33
CA ARG A 260 -23.53 14.08 0.27
C ARG A 260 -24.90 14.16 -0.40
N GLN A 261 -25.44 15.37 -0.58
CA GLN A 261 -26.79 15.53 -1.19
C GLN A 261 -26.66 16.05 -2.63
N SER A 262 -25.88 17.12 -2.83
CA SER A 262 -25.69 17.72 -4.15
C SER A 262 -24.22 17.94 -4.37
N ILE A 263 -23.87 18.54 -5.51
CA ILE A 263 -22.48 18.90 -5.78
C ILE A 263 -22.14 20.27 -5.23
N THR A 264 -23.16 21.03 -4.85
CA THR A 264 -22.95 22.40 -4.29
C THR A 264 -23.24 22.39 -2.80
N THR A 265 -23.65 21.24 -2.25
CA THR A 265 -23.95 21.10 -0.80
C THR A 265 -22.67 21.28 0.02
N MET A 266 -22.75 22.02 1.13
CA MET A 266 -21.57 22.29 2.00
C MET A 266 -21.47 21.25 3.12
N THR A 267 -22.41 20.30 3.19
CA THR A 267 -22.38 19.25 4.25
C THR A 267 -22.76 17.90 3.66
N GLY B 8 17.21 27.17 -31.39
CA GLY B 8 15.88 27.39 -30.88
C GLY B 8 14.91 26.31 -31.31
N TYR B 9 14.58 25.42 -30.37
CA TYR B 9 13.66 24.28 -30.63
C TYR B 9 12.48 24.33 -29.65
N SER B 10 11.56 23.36 -29.77
CA SER B 10 10.37 23.28 -28.90
C SER B 10 10.49 22.08 -27.95
N ASP B 11 10.27 22.30 -26.65
CA ASP B 11 10.39 21.24 -25.62
C ASP B 11 9.34 20.14 -25.83
N ARG B 12 8.43 20.33 -26.79
CA ARG B 12 7.35 19.33 -27.04
C ARG B 12 7.90 18.19 -27.90
N ALA B 13 9.10 18.36 -28.46
CA ALA B 13 9.68 17.36 -29.37
C ALA B 13 10.77 16.58 -28.64
N ARG B 14 10.71 15.25 -28.69
CA ARG B 14 11.71 14.40 -27.99
C ARG B 14 12.03 13.16 -28.84
N SER B 15 13.26 12.66 -28.72
CA SER B 15 13.74 11.47 -29.40
C SER B 15 14.49 10.58 -28.41
N ILE B 16 14.26 9.28 -28.49
CA ILE B 16 14.90 8.31 -27.63
C ILE B 16 15.49 7.20 -28.47
N THR B 17 16.78 6.93 -28.29
CA THR B 17 17.53 5.96 -29.08
C THR B 17 18.09 4.89 -28.15
N LEU B 18 17.68 3.64 -28.38
CA LEU B 18 18.16 2.53 -27.57
C LEU B 18 18.42 1.36 -28.50
N GLY B 19 19.62 0.82 -28.48
CA GLY B 19 19.93 -0.29 -29.36
C GLY B 19 19.79 0.12 -30.81
N ASN B 20 19.14 -0.71 -31.60
CA ASN B 20 18.86 -0.38 -32.98
C ASN B 20 17.47 0.22 -33.17
N SER B 21 16.92 0.82 -32.13
CA SER B 21 15.56 1.34 -32.19
C SER B 21 15.53 2.79 -31.74
N THR B 22 14.52 3.50 -32.23
CA THR B 22 14.32 4.92 -31.97
C THR B 22 12.84 5.16 -31.84
N ILE B 23 12.47 6.15 -31.03
CA ILE B 23 11.12 6.70 -31.03
C ILE B 23 11.23 8.21 -31.07
N THR B 24 10.31 8.84 -31.81
CA THR B 24 10.30 10.33 -31.92
C THR B 24 8.87 10.82 -31.68
N THR B 25 8.72 11.89 -30.87
CA THR B 25 7.37 12.43 -30.55
C THR B 25 7.25 13.85 -31.09
N GLN B 26 6.08 14.22 -31.61
CA GLN B 26 5.85 15.62 -32.08
C GLN B 26 5.24 16.39 -30.91
N GLU B 27 4.31 15.76 -30.19
CA GLU B 27 3.72 16.39 -28.98
C GLU B 27 3.96 15.46 -27.80
N CYS B 28 4.50 15.98 -26.70
CA CYS B 28 4.72 15.16 -25.48
C CYS B 28 4.71 16.10 -24.26
N ALA B 29 4.64 15.55 -23.04
CA ALA B 29 4.73 16.43 -21.86
C ALA B 29 6.19 16.55 -21.43
N ASN B 30 6.75 15.49 -20.86
CA ASN B 30 8.12 15.49 -20.37
C ASN B 30 8.52 14.04 -20.18
N VAL B 31 9.62 13.80 -19.48
CA VAL B 31 10.03 12.46 -19.08
C VAL B 31 10.07 12.41 -17.57
N VAL B 32 9.41 11.43 -16.99
CA VAL B 32 9.47 11.16 -15.56
C VAL B 32 10.56 10.14 -15.32
N VAL B 33 11.39 10.36 -14.31
CA VAL B 33 12.59 9.57 -14.13
C VAL B 33 12.48 8.78 -12.84
N GLY B 34 11.31 8.21 -12.58
CA GLY B 34 11.20 7.31 -11.47
C GLY B 34 11.31 8.04 -10.15
N TYR B 35 12.17 7.58 -9.26
CA TYR B 35 12.35 8.21 -7.96
C TYR B 35 13.59 9.11 -7.95
N GLY B 36 13.85 9.76 -9.07
CA GLY B 36 15.05 10.56 -9.21
C GLY B 36 16.29 9.76 -9.55
N VAL B 37 16.14 8.46 -9.80
CA VAL B 37 17.26 7.57 -10.02
C VAL B 37 17.26 7.14 -11.47
N TRP B 38 18.40 7.25 -12.11
CA TRP B 38 18.59 6.70 -13.44
C TRP B 38 19.13 5.29 -13.32
N PRO B 39 18.58 4.32 -14.04
CA PRO B 39 19.00 2.93 -13.85
C PRO B 39 20.45 2.70 -14.26
N ASP B 40 21.19 2.00 -13.39
CA ASP B 40 22.59 1.67 -13.58
C ASP B 40 22.82 0.20 -13.24
N TYR B 41 24.07 -0.23 -13.29
CA TYR B 41 24.45 -1.61 -13.05
C TYR B 41 24.70 -1.84 -11.55
N LEU B 42 24.90 -3.10 -11.20
CA LEU B 42 25.09 -3.47 -9.81
C LEU B 42 26.53 -3.27 -9.41
N LYS B 43 26.75 -2.57 -8.29
CA LYS B 43 28.08 -2.27 -7.81
C LYS B 43 28.72 -3.52 -7.21
N ASP B 44 29.99 -3.40 -6.84
CA ASP B 44 30.70 -4.53 -6.26
C ASP B 44 30.51 -4.61 -4.75
N SER B 45 30.00 -3.57 -4.12
CA SER B 45 29.71 -3.58 -2.69
C SER B 45 28.27 -3.88 -2.38
N GLU B 46 27.42 -4.04 -3.39
CA GLU B 46 26.03 -4.39 -3.20
C GLU B 46 25.68 -5.78 -3.70
N ALA B 47 26.61 -6.44 -4.37
CA ALA B 47 26.32 -7.73 -5.00
C ALA B 47 26.49 -8.85 -3.99
N THR B 48 25.88 -9.99 -4.31
CA THR B 48 26.01 -11.16 -3.43
C THR B 48 26.45 -12.40 -4.20
N ALA B 49 26.02 -12.53 -5.45
CA ALA B 49 26.41 -13.69 -6.24
C ALA B 49 27.87 -13.59 -6.65
N GLU B 50 28.56 -14.71 -6.65
CA GLU B 50 29.99 -14.72 -6.94
C GLU B 50 30.29 -14.79 -8.42
N ASP B 51 29.59 -15.65 -9.16
CA ASP B 51 29.95 -15.88 -10.55
C ASP B 51 29.65 -14.65 -11.40
N GLN B 52 30.35 -14.56 -12.52
CA GLN B 52 30.36 -13.33 -13.31
C GLN B 52 29.04 -13.16 -14.06
N PRO B 53 28.52 -11.94 -14.14
CA PRO B 53 27.27 -11.71 -14.86
C PRO B 53 27.49 -11.56 -16.36
N THR B 54 26.45 -11.87 -17.11
CA THR B 54 26.44 -11.58 -18.53
C THR B 54 25.71 -10.27 -18.76
N GLN B 55 26.16 -9.51 -19.76
CA GLN B 55 25.51 -8.21 -20.07
C GLN B 55 25.43 -8.05 -21.58
N PRO B 56 24.33 -8.43 -22.26
CA PRO B 56 24.29 -8.34 -23.73
C PRO B 56 24.46 -6.87 -24.12
N ASP B 57 23.76 -5.94 -23.46
CA ASP B 57 23.96 -4.48 -23.64
C ASP B 57 23.31 -3.87 -24.89
N VAL B 58 22.86 -4.69 -25.84
CA VAL B 58 22.31 -4.15 -27.11
C VAL B 58 21.19 -5.07 -27.60
N ALA B 59 21.33 -6.37 -27.38
CA ALA B 59 20.35 -7.31 -27.89
C ALA B 59 19.10 -7.36 -27.03
N THR B 60 19.19 -6.87 -25.80
CA THR B 60 18.05 -6.81 -24.90
C THR B 60 17.56 -5.39 -24.70
N CYS B 61 18.47 -4.45 -24.45
CA CYS B 61 18.12 -3.06 -24.15
C CYS B 61 17.74 -2.35 -25.44
N ARG B 62 16.56 -2.66 -25.95
CA ARG B 62 15.97 -1.97 -27.09
C ARG B 62 14.48 -1.89 -26.85
N PHE B 63 13.73 -1.44 -27.85
CA PHE B 63 12.30 -1.21 -27.70
C PHE B 63 11.51 -2.39 -28.24
N TYR B 64 10.65 -2.96 -27.40
CA TYR B 64 9.73 -4.02 -27.79
C TYR B 64 8.32 -3.46 -27.76
N THR B 65 7.56 -3.70 -28.81
CA THR B 65 6.25 -3.11 -28.99
C THR B 65 5.18 -4.17 -28.78
N LEU B 66 4.41 -4.03 -27.70
CA LEU B 66 3.32 -4.99 -27.34
C LEU B 66 2.07 -4.74 -28.21
N ASP B 67 1.11 -5.67 -28.15
CA ASP B 67 -0.14 -5.57 -28.95
C ASP B 67 -0.95 -4.35 -28.53
N SER B 68 -1.61 -3.70 -29.49
CA SER B 68 -2.43 -2.49 -29.23
C SER B 68 -3.78 -2.87 -28.62
N VAL B 69 -4.48 -1.89 -28.05
CA VAL B 69 -5.78 -2.10 -27.43
C VAL B 69 -6.72 -0.98 -27.83
N GLN B 70 -7.95 -1.32 -28.19
CA GLN B 70 -8.91 -0.32 -28.60
C GLN B 70 -9.48 0.39 -27.38
N TRP B 71 -9.45 1.71 -27.41
CA TRP B 71 -10.07 2.52 -26.37
C TRP B 71 -11.48 2.85 -26.82
N GLN B 72 -12.47 2.23 -26.19
CA GLN B 72 -13.86 2.52 -26.52
C GLN B 72 -14.42 3.53 -25.54
N LYS B 73 -15.70 3.83 -25.72
CA LYS B 73 -16.36 4.79 -24.85
C LYS B 73 -16.69 4.23 -23.48
N THR B 74 -16.50 2.92 -23.29
CA THR B 74 -16.85 2.27 -22.01
C THR B 74 -15.75 1.30 -21.58
N SER B 75 -14.48 1.68 -21.76
CA SER B 75 -13.40 0.81 -21.34
C SER B 75 -12.96 1.16 -19.93
N PRO B 76 -12.93 0.20 -19.01
CA PRO B 76 -12.45 0.48 -17.65
C PRO B 76 -10.95 0.78 -17.59
N GLY B 77 -10.13 -0.05 -18.17
CA GLY B 77 -8.69 0.12 -18.06
C GLY B 77 -7.97 -1.19 -18.31
N TRP B 78 -6.65 -1.09 -18.36
CA TRP B 78 -5.80 -2.24 -18.68
C TRP B 78 -4.59 -2.27 -17.76
N TRP B 79 -4.02 -3.45 -17.59
CA TRP B 79 -2.80 -3.63 -16.76
C TRP B 79 -1.88 -4.68 -17.40
N TRP B 80 -0.57 -4.53 -17.22
CA TRP B 80 0.43 -5.47 -17.80
C TRP B 80 1.53 -5.72 -16.76
N LYS B 81 2.05 -6.95 -16.68
CA LYS B 81 3.20 -7.21 -15.78
C LYS B 81 4.46 -7.05 -16.64
N LEU B 82 5.35 -6.11 -16.31
CA LEU B 82 6.52 -5.83 -17.18
C LEU B 82 7.45 -7.04 -17.32
N PRO B 83 7.83 -7.79 -16.27
CA PRO B 83 8.65 -9.00 -16.44
C PRO B 83 7.92 -10.08 -17.25
N ASP B 84 6.62 -10.28 -17.01
CA ASP B 84 5.85 -11.34 -17.70
C ASP B 84 5.60 -10.94 -19.16
N ALA B 85 5.43 -9.64 -19.43
CA ALA B 85 5.10 -9.20 -20.81
C ALA B 85 6.24 -9.48 -21.81
N LEU B 86 7.50 -9.24 -21.42
CA LEU B 86 8.63 -9.44 -22.37
C LEU B 86 9.23 -10.84 -22.23
N SER B 87 8.49 -11.78 -21.63
CA SER B 87 8.98 -13.16 -21.44
C SER B 87 9.15 -13.89 -22.79
N ASN B 88 8.22 -13.68 -23.73
CA ASN B 88 8.27 -14.40 -25.03
C ASN B 88 8.78 -13.49 -26.15
N LEU B 89 9.32 -12.31 -25.84
CA LEU B 89 9.74 -11.37 -26.91
C LEU B 89 11.26 -11.24 -27.05
N GLY B 90 11.78 -11.49 -28.27
CA GLY B 90 13.18 -11.32 -28.65
C GLY B 90 14.18 -12.15 -27.87
N LEU B 91 15.39 -11.60 -27.67
CA LEU B 91 16.47 -12.27 -26.91
C LEU B 91 16.30 -11.98 -25.42
N PHE B 92 15.47 -10.99 -25.07
CA PHE B 92 15.25 -10.67 -23.64
C PHE B 92 14.61 -11.90 -22.97
N GLY B 93 13.64 -12.49 -23.64
CA GLY B 93 12.95 -13.69 -23.14
C GLY B 93 13.87 -14.89 -23.05
N GLN B 94 14.71 -15.09 -24.08
CA GLN B 94 15.65 -16.24 -24.12
C GLN B 94 16.69 -16.15 -23.00
N ASN B 95 17.25 -14.95 -22.76
CA ASN B 95 18.29 -14.80 -21.71
C ASN B 95 17.69 -15.12 -20.33
N MET B 96 16.50 -14.58 -20.03
CA MET B 96 15.86 -14.81 -18.72
C MET B 96 15.46 -16.28 -18.55
N GLN B 97 15.20 -16.98 -19.65
CA GLN B 97 14.78 -18.40 -19.60
C GLN B 97 15.92 -19.26 -19.08
N TYR B 98 17.08 -19.20 -19.73
CA TYR B 98 18.28 -20.00 -19.36
C TYR B 98 18.82 -19.63 -17.97
N HIS B 99 18.85 -18.34 -17.64
CA HIS B 99 19.44 -17.87 -16.35
C HIS B 99 18.48 -18.02 -15.16
N TYR B 100 19.07 -18.12 -13.97
CA TYR B 100 18.36 -18.20 -12.65
C TYR B 100 18.08 -16.80 -12.08
N LEU B 101 19.04 -15.88 -12.16
CA LEU B 101 18.88 -14.53 -11.55
C LEU B 101 18.95 -13.43 -12.62
N GLY B 102 17.98 -12.52 -12.63
CA GLY B 102 17.94 -11.40 -13.58
C GLY B 102 17.67 -10.07 -12.88
N ARG B 103 18.44 -9.04 -13.21
CA ARG B 103 18.25 -7.67 -12.63
C ARG B 103 18.10 -6.68 -13.78
N THR B 104 17.03 -5.87 -13.80
CA THR B 104 16.86 -4.92 -14.93
C THR B 104 15.95 -3.74 -14.56
N GLY B 105 16.02 -2.68 -15.38
CA GLY B 105 15.19 -1.46 -15.27
C GLY B 105 14.39 -1.27 -16.54
N TYR B 106 13.36 -0.42 -16.54
CA TYR B 106 12.59 -0.27 -17.79
C TYR B 106 12.19 1.19 -18.02
N THR B 107 11.55 1.40 -19.17
CA THR B 107 10.92 2.68 -19.58
C THR B 107 9.60 2.32 -20.27
N VAL B 108 8.56 3.12 -20.11
CA VAL B 108 7.22 2.79 -20.68
C VAL B 108 6.76 3.95 -21.57
N HIS B 109 6.90 3.84 -22.89
CA HIS B 109 6.36 4.90 -23.77
C HIS B 109 4.97 4.48 -24.27
N VAL B 110 3.92 5.14 -23.79
CA VAL B 110 2.52 4.80 -24.19
C VAL B 110 2.08 5.84 -25.23
N GLN B 111 1.62 5.38 -26.39
CA GLN B 111 1.22 6.31 -27.48
C GLN B 111 -0.28 6.20 -27.77
N CYS B 112 -0.97 7.34 -27.74
CA CYS B 112 -2.42 7.44 -28.06
C CYS B 112 -2.64 8.77 -28.77
N ASN B 113 -2.92 8.72 -30.08
CA ASN B 113 -3.08 9.96 -30.88
C ASN B 113 -4.53 10.14 -31.32
N ALA B 114 -5.09 11.33 -31.09
CA ALA B 114 -6.47 11.65 -31.51
C ALA B 114 -6.51 13.07 -32.08
N SER B 115 -7.59 13.43 -32.77
CA SER B 115 -7.75 14.77 -33.38
C SER B 115 -8.21 15.80 -32.33
N LYS B 116 -8.26 17.08 -32.73
CA LYS B 116 -8.65 18.18 -31.81
C LYS B 116 -10.09 17.94 -31.30
N PHE B 117 -10.98 17.49 -32.18
CA PHE B 117 -12.40 17.23 -31.81
C PHE B 117 -12.54 16.13 -30.75
N HIS B 118 -11.70 15.09 -30.80
CA HIS B 118 -11.76 13.99 -29.79
C HIS B 118 -11.31 14.52 -28.42
N GLN B 119 -11.99 14.09 -27.36
CA GLN B 119 -11.63 14.51 -25.97
C GLN B 119 -11.55 13.28 -25.06
N GLY B 120 -10.43 13.10 -24.35
CA GLY B 120 -10.27 11.95 -23.42
C GLY B 120 -9.14 12.17 -22.43
N CYS B 121 -9.09 11.39 -21.36
CA CYS B 121 -7.98 11.50 -20.37
C CYS B 121 -7.52 10.10 -19.95
N LEU B 122 -6.21 9.84 -19.94
CA LEU B 122 -5.66 8.52 -19.56
C LEU B 122 -4.59 8.68 -18.47
N LEU B 123 -4.62 7.83 -17.45
CA LEU B 123 -3.57 7.88 -16.39
C LEU B 123 -2.62 6.71 -16.58
N VAL B 124 -1.32 7.00 -16.70
CA VAL B 124 -0.27 5.96 -16.91
C VAL B 124 0.58 5.89 -15.64
N VAL B 125 0.47 4.82 -14.85
CA VAL B 125 1.24 4.71 -13.58
C VAL B 125 1.90 3.33 -13.47
N CYS B 126 3.10 3.28 -12.89
CA CYS B 126 3.85 2.01 -12.66
C CYS B 126 3.74 1.66 -11.18
N VAL B 127 3.28 0.45 -10.84
CA VAL B 127 3.08 0.09 -9.41
C VAL B 127 4.04 -1.05 -9.03
N PRO B 128 5.03 -0.81 -8.14
CA PRO B 128 5.92 -1.89 -7.69
C PRO B 128 5.15 -2.79 -6.71
N GLU B 129 5.36 -4.11 -6.78
CA GLU B 129 4.70 -5.08 -5.86
C GLU B 129 3.19 -4.86 -5.87
N ALA B 130 2.62 -4.71 -7.07
CA ALA B 130 1.16 -4.48 -7.22
C ALA B 130 0.41 -5.78 -6.97
N GLU B 131 0.48 -6.30 -5.74
CA GLU B 131 -0.21 -7.57 -5.42
C GLU B 131 -1.72 -7.34 -5.63
N MET B 132 -2.41 -8.29 -6.27
CA MET B 132 -3.85 -8.12 -6.57
C MET B 132 -4.68 -9.16 -5.82
N GLY B 133 -5.91 -8.81 -5.45
CA GLY B 133 -6.77 -9.72 -4.69
C GLY B 133 -7.70 -10.54 -5.57
N CYS B 134 -8.20 -11.65 -5.02
CA CYS B 134 -9.14 -12.61 -5.64
C CYS B 134 -10.60 -12.26 -5.33
N ALA B 135 -11.53 -12.68 -6.20
CA ALA B 135 -12.97 -12.40 -5.97
C ALA B 135 -13.43 -13.11 -4.69
N THR B 136 -12.97 -14.34 -4.51
CA THR B 136 -13.25 -15.11 -3.28
C THR B 136 -12.37 -14.54 -2.16
N LEU B 137 -12.89 -14.49 -0.92
CA LEU B 137 -12.09 -13.99 0.23
C LEU B 137 -11.20 -15.12 0.76
N ASP B 138 -11.56 -16.38 0.51
CA ASP B 138 -10.79 -17.52 1.08
C ASP B 138 -9.62 -17.94 0.17
N ASN B 139 -9.81 -17.98 -1.15
CA ASN B 139 -8.71 -18.49 -2.03
C ASN B 139 -7.89 -17.32 -2.57
N THR B 140 -6.93 -17.59 -3.46
CA THR B 140 -6.02 -16.52 -3.96
C THR B 140 -6.06 -16.51 -5.50
N PRO B 141 -5.75 -15.39 -6.19
CA PRO B 141 -5.89 -15.33 -7.64
C PRO B 141 -5.00 -16.36 -8.34
N SER B 142 -5.57 -17.09 -9.31
CA SER B 142 -4.79 -18.10 -10.06
C SER B 142 -3.90 -17.42 -11.08
N SER B 143 -2.80 -18.08 -11.48
CA SER B 143 -1.98 -17.52 -12.57
C SER B 143 -2.77 -17.69 -13.87
N ALA B 144 -2.31 -17.10 -14.95
CA ALA B 144 -3.02 -17.15 -16.26
C ALA B 144 -4.40 -16.49 -16.13
N GLU B 145 -4.73 -15.99 -14.93
CA GLU B 145 -5.98 -15.21 -14.74
C GLU B 145 -5.54 -13.80 -14.42
N LEU B 146 -4.50 -13.67 -13.57
CA LEU B 146 -3.91 -12.34 -13.28
C LEU B 146 -2.91 -11.99 -14.39
N LEU B 147 -2.15 -12.98 -14.87
CA LEU B 147 -1.06 -12.70 -15.85
C LEU B 147 -1.54 -12.92 -17.29
N GLY B 148 -0.98 -12.18 -18.25
CA GLY B 148 -1.36 -12.29 -19.67
C GLY B 148 -0.13 -12.12 -20.55
N GLY B 149 0.13 -13.07 -21.46
CA GLY B 149 1.32 -12.99 -22.33
C GLY B 149 1.10 -12.10 -23.54
N ASP B 150 1.74 -10.92 -23.55
CA ASP B 150 1.52 -9.92 -24.63
C ASP B 150 0.02 -9.57 -24.65
N SER B 151 -0.73 -9.92 -23.59
CA SER B 151 -2.20 -9.71 -23.57
C SER B 151 -2.61 -8.42 -22.84
N ALA B 152 -3.79 -7.89 -23.21
CA ALA B 152 -4.35 -6.63 -22.68
C ALA B 152 -4.68 -6.68 -21.18
N LYS B 153 -5.43 -7.71 -20.73
CA LYS B 153 -5.83 -7.87 -19.30
C LYS B 153 -6.54 -6.61 -18.81
N GLU B 154 -7.76 -6.36 -19.31
CA GLU B 154 -8.57 -5.17 -18.94
C GLU B 154 -9.24 -5.36 -17.57
N PHE B 155 -9.71 -4.25 -16.98
CA PHE B 155 -10.43 -4.22 -15.68
C PHE B 155 -11.94 -4.34 -15.92
N ALA B 156 -12.76 -4.07 -14.90
CA ALA B 156 -14.23 -4.23 -15.05
C ALA B 156 -14.97 -3.35 -14.04
N ASP B 157 -15.80 -2.42 -14.52
CA ASP B 157 -16.63 -1.61 -13.59
C ASP B 157 -17.56 -2.58 -12.86
N LYS B 158 -17.82 -2.37 -11.57
CA LYS B 158 -18.75 -3.22 -10.78
C LYS B 158 -18.03 -4.48 -10.24
N PRO B 159 -18.37 -5.02 -9.03
CA PRO B 159 -17.63 -6.16 -8.47
C PRO B 159 -17.77 -7.50 -9.22
N VAL B 160 -16.72 -8.32 -9.18
CA VAL B 160 -16.76 -9.68 -9.80
C VAL B 160 -17.53 -10.59 -8.85
N ALA B 161 -18.35 -11.51 -9.37
CA ALA B 161 -19.21 -12.35 -8.51
C ALA B 161 -18.37 -13.22 -7.58
N SER B 162 -18.86 -13.43 -6.35
CA SER B 162 -18.13 -14.27 -5.36
C SER B 162 -18.61 -15.72 -5.44
N GLY B 163 -17.69 -16.66 -5.65
CA GLY B 163 -17.99 -18.10 -5.72
C GLY B 163 -16.73 -18.91 -5.50
N SER B 164 -16.78 -20.22 -5.75
CA SER B 164 -15.57 -21.08 -5.56
C SER B 164 -14.73 -21.05 -6.85
N ASN B 165 -14.11 -19.90 -7.17
CA ASN B 165 -13.33 -19.76 -8.43
C ASN B 165 -12.14 -18.80 -8.24
N LYS B 166 -10.93 -19.18 -8.67
CA LYS B 166 -9.72 -18.35 -8.43
C LYS B 166 -9.71 -17.08 -9.30
N LEU B 167 -10.88 -16.57 -9.69
CA LEU B 167 -11.01 -15.30 -10.45
C LEU B 167 -10.45 -14.12 -9.64
N VAL B 168 -9.88 -13.13 -10.33
CA VAL B 168 -9.28 -11.94 -9.66
C VAL B 168 -10.36 -10.85 -9.61
N GLN B 169 -10.40 -10.07 -8.52
CA GLN B 169 -11.33 -8.92 -8.43
C GLN B 169 -10.80 -7.84 -9.38
N ARG B 170 -11.58 -7.44 -10.39
CA ARG B 170 -11.07 -6.48 -11.42
C ARG B 170 -11.68 -5.10 -11.26
N VAL B 171 -12.24 -4.76 -10.08
CA VAL B 171 -12.94 -3.44 -9.96
C VAL B 171 -11.95 -2.32 -10.30
N VAL B 172 -12.34 -1.42 -11.20
CA VAL B 172 -11.45 -0.27 -11.60
C VAL B 172 -11.30 0.71 -10.43
N TYR B 173 -12.37 0.97 -9.67
CA TYR B 173 -12.33 2.01 -8.61
C TYR B 173 -11.46 1.55 -7.43
N ASN B 174 -11.33 0.24 -7.22
CA ASN B 174 -10.43 -0.26 -6.14
C ASN B 174 -9.10 -0.71 -6.78
N ALA B 175 -9.10 -0.90 -8.10
CA ALA B 175 -7.92 -1.24 -8.95
C ALA B 175 -7.37 -2.66 -8.70
N GLY B 176 -8.09 -3.51 -7.98
CA GLY B 176 -7.65 -4.90 -7.68
C GLY B 176 -6.69 -4.98 -6.51
N MET B 177 -6.36 -3.86 -5.88
CA MET B 177 -5.43 -3.84 -4.72
C MET B 177 -6.15 -3.38 -3.45
N GLY B 178 -7.40 -2.92 -3.58
CA GLY B 178 -8.19 -2.46 -2.43
C GLY B 178 -7.86 -1.03 -2.02
N VAL B 179 -7.22 -0.26 -2.90
CA VAL B 179 -6.86 1.16 -2.58
C VAL B 179 -7.59 2.11 -3.53
N GLY B 180 -7.75 3.38 -3.13
CA GLY B 180 -8.42 4.38 -3.98
C GLY B 180 -7.70 4.56 -5.30
N VAL B 181 -8.44 4.53 -6.39
CA VAL B 181 -7.87 4.68 -7.77
C VAL B 181 -7.22 6.07 -7.90
N GLY B 182 -7.83 7.10 -7.32
CA GLY B 182 -7.30 8.47 -7.39
C GLY B 182 -5.93 8.63 -6.73
N ASN B 183 -5.72 7.97 -5.57
CA ASN B 183 -4.45 8.09 -4.80
C ASN B 183 -3.30 7.34 -5.47
N LEU B 184 -3.53 6.73 -6.64
CA LEU B 184 -2.47 5.95 -7.35
C LEU B 184 -1.46 6.91 -7.97
N THR B 185 -1.46 8.17 -7.56
CA THR B 185 -0.51 9.18 -8.11
C THR B 185 0.76 9.21 -7.25
N ILE B 186 0.82 8.40 -6.20
CA ILE B 186 2.01 8.34 -5.30
C ILE B 186 3.19 7.71 -6.06
N PHE B 187 2.91 6.73 -6.93
CA PHE B 187 3.99 6.12 -7.76
C PHE B 187 4.26 7.05 -8.96
N PRO B 188 5.43 6.98 -9.65
CA PRO B 188 5.65 7.80 -10.87
C PRO B 188 4.48 7.68 -11.85
N HIS B 189 3.81 8.80 -12.14
CA HIS B 189 2.62 8.77 -13.03
C HIS B 189 2.71 9.87 -14.09
N GLN B 190 2.13 9.64 -15.27
CA GLN B 190 2.08 10.68 -16.33
C GLN B 190 0.67 10.68 -16.92
N TRP B 191 0.12 11.85 -17.27
CA TRP B 191 -1.28 11.92 -17.75
C TRP B 191 -1.30 12.17 -19.27
N ILE B 192 -2.11 11.42 -20.01
CA ILE B 192 -2.26 11.71 -21.46
C ILE B 192 -3.57 12.48 -21.64
N ASN B 193 -3.47 13.75 -22.05
CA ASN B 193 -4.71 14.55 -22.30
C ASN B 193 -4.81 14.73 -23.81
N LEU B 194 -5.82 14.13 -24.45
CA LEU B 194 -5.91 14.17 -25.93
C LEU B 194 -5.78 15.60 -26.45
N ARG B 195 -6.31 16.58 -25.71
CA ARG B 195 -6.31 17.99 -26.20
C ARG B 195 -4.90 18.58 -26.19
N THR B 196 -3.95 17.94 -25.47
CA THR B 196 -2.56 18.44 -25.39
C THR B 196 -1.57 17.28 -25.54
N ASN B 197 -1.39 16.47 -24.48
CA ASN B 197 -0.39 15.37 -24.49
C ASN B 197 -0.82 14.25 -25.46
N ASN B 198 0.12 13.73 -26.24
CA ASN B 198 -0.21 12.59 -27.15
C ASN B 198 0.37 11.30 -26.58
N SER B 199 1.56 11.38 -26.00
CA SER B 199 2.24 10.18 -25.45
C SER B 199 2.76 10.43 -24.02
N ALA B 200 3.12 9.36 -23.30
CA ALA B 200 3.64 9.49 -21.92
C ALA B 200 4.89 8.61 -21.78
N THR B 201 5.99 9.19 -21.27
CA THR B 201 7.27 8.46 -21.08
C THR B 201 7.57 8.33 -19.59
N ILE B 202 7.85 7.12 -19.11
CA ILE B 202 8.24 6.93 -17.68
C ILE B 202 9.48 6.05 -17.61
N VAL B 203 10.52 6.47 -16.88
CA VAL B 203 11.76 5.67 -16.72
C VAL B 203 11.77 5.11 -15.30
N MET B 204 11.89 3.79 -15.14
CA MET B 204 11.84 3.18 -13.78
C MET B 204 13.15 2.45 -13.47
N PRO B 205 13.84 2.77 -12.35
CA PRO B 205 15.07 2.07 -11.95
C PRO B 205 14.68 0.74 -11.30
N TYR B 206 15.60 -0.22 -11.22
CA TYR B 206 15.26 -1.51 -10.59
C TYR B 206 14.94 -1.25 -9.11
N THR B 207 13.77 -1.73 -8.66
CA THR B 207 13.36 -1.55 -7.24
C THR B 207 13.03 -2.92 -6.64
N ASN B 208 13.75 -3.33 -5.60
CA ASN B 208 13.50 -4.64 -4.94
C ASN B 208 14.17 -4.63 -3.56
N SER B 209 13.80 -5.57 -2.70
CA SER B 209 14.40 -5.67 -1.33
C SER B 209 15.64 -6.56 -1.37
N VAL B 210 15.97 -7.10 -2.54
CA VAL B 210 17.16 -7.99 -2.73
C VAL B 210 17.91 -7.52 -3.98
N PRO B 211 19.22 -7.82 -4.15
CA PRO B 211 19.99 -7.38 -5.32
C PRO B 211 19.50 -7.96 -6.67
N MET B 212 19.19 -9.26 -6.71
CA MET B 212 18.68 -9.90 -7.95
C MET B 212 17.51 -10.82 -7.60
N ASP B 213 16.62 -11.09 -8.56
CA ASP B 213 15.42 -11.92 -8.25
C ASP B 213 15.08 -12.79 -9.46
N ASN B 214 14.36 -13.89 -9.22
CA ASN B 214 13.98 -14.82 -10.32
C ASN B 214 12.82 -14.18 -11.09
N MET B 215 13.08 -13.78 -12.33
CA MET B 215 12.09 -13.08 -13.18
C MET B 215 10.81 -13.91 -13.40
N PHE B 216 10.93 -15.22 -13.57
CA PHE B 216 9.74 -16.07 -13.84
C PHE B 216 8.74 -16.14 -12.68
N ARG B 217 9.20 -16.22 -11.43
CA ARG B 217 8.22 -16.37 -10.30
C ARG B 217 7.90 -15.02 -9.64
N HIS B 218 8.59 -13.94 -9.99
CA HIS B 218 8.28 -12.64 -9.32
C HIS B 218 8.20 -11.50 -10.34
N ASN B 219 7.23 -10.59 -10.14
CA ASN B 219 7.06 -9.41 -11.03
C ASN B 219 7.41 -8.14 -10.25
N ASN B 220 8.43 -7.39 -10.70
CA ASN B 220 8.86 -6.15 -10.01
C ASN B 220 7.83 -5.03 -10.10
N VAL B 221 7.24 -4.82 -11.30
CA VAL B 221 6.33 -3.66 -11.50
C VAL B 221 5.12 -4.02 -12.40
N THR B 222 4.01 -3.27 -12.29
CA THR B 222 2.77 -3.48 -13.06
C THR B 222 2.35 -2.16 -13.71
N LEU B 223 2.30 -2.11 -15.04
CA LEU B 223 1.92 -0.92 -15.75
C LEU B 223 0.40 -0.84 -15.84
N MET B 224 -0.16 0.31 -15.51
CA MET B 224 -1.62 0.47 -15.53
C MET B 224 -2.01 1.67 -16.37
N VAL B 225 -3.02 1.50 -17.21
CA VAL B 225 -3.57 2.57 -18.03
C VAL B 225 -5.06 2.65 -17.75
N ILE B 226 -5.51 3.76 -17.17
CA ILE B 226 -6.87 3.90 -16.68
C ILE B 226 -7.50 5.19 -17.19
N PRO B 227 -8.57 5.12 -17.98
CA PRO B 227 -9.23 6.33 -18.47
C PRO B 227 -10.11 7.04 -17.47
N PHE B 228 -9.56 8.03 -16.74
CA PHE B 228 -10.36 8.77 -15.77
C PHE B 228 -11.53 9.50 -16.43
N VAL B 229 -11.33 10.06 -17.59
CA VAL B 229 -12.38 10.76 -18.36
C VAL B 229 -12.62 9.98 -19.64
N PRO B 230 -13.85 9.65 -19.97
CA PRO B 230 -14.11 8.74 -21.10
C PRO B 230 -13.74 9.35 -22.44
N LEU B 231 -13.79 8.52 -23.47
CA LEU B 231 -13.55 8.98 -24.83
C LEU B 231 -14.85 9.47 -25.43
N ASP B 232 -14.79 10.64 -26.09
CA ASP B 232 -16.03 11.19 -26.70
C ASP B 232 -15.69 11.85 -28.04
N TYR B 233 -16.70 11.94 -28.91
CA TYR B 233 -16.58 12.54 -30.26
C TYR B 233 -17.99 12.70 -30.85
N CYS B 234 -18.09 13.32 -32.03
CA CYS B 234 -19.42 13.51 -32.65
C CYS B 234 -19.56 12.55 -33.84
N PRO B 235 -20.79 12.25 -34.31
CA PRO B 235 -20.99 11.34 -35.43
C PRO B 235 -20.14 11.80 -36.62
N GLY B 236 -19.36 10.89 -37.22
CA GLY B 236 -18.51 11.33 -38.34
C GLY B 236 -17.02 11.10 -38.08
N SER B 237 -16.55 11.50 -36.89
CA SER B 237 -15.12 11.34 -36.52
C SER B 237 -14.78 9.86 -36.38
N THR B 238 -13.48 9.54 -36.40
CA THR B 238 -13.04 8.15 -36.33
C THR B 238 -13.35 7.51 -34.99
N THR B 239 -13.91 6.30 -35.03
CA THR B 239 -14.32 5.61 -33.78
C THR B 239 -13.18 4.74 -33.23
N TYR B 240 -12.42 4.06 -34.11
CA TYR B 240 -11.39 3.16 -33.63
C TYR B 240 -10.17 3.96 -33.20
N VAL B 241 -9.92 4.02 -31.91
CA VAL B 241 -8.83 4.78 -31.34
C VAL B 241 -7.97 3.84 -30.49
N PRO B 242 -6.79 3.46 -30.96
CA PRO B 242 -5.97 2.48 -30.25
C PRO B 242 -4.90 3.08 -29.38
N ILE B 243 -4.49 2.30 -28.39
CA ILE B 243 -3.39 2.64 -27.49
C ILE B 243 -2.30 1.59 -27.70
N THR B 244 -1.05 2.04 -27.80
CA THR B 244 0.09 1.16 -28.03
C THR B 244 1.14 1.39 -26.97
N VAL B 245 1.84 0.33 -26.58
CA VAL B 245 2.81 0.36 -25.48
C VAL B 245 4.13 -0.21 -25.97
N THR B 246 5.23 0.50 -25.71
CA THR B 246 6.56 -0.01 -26.00
C THR B 246 7.39 0.02 -24.72
N ILE B 247 8.05 -1.10 -24.42
CA ILE B 247 8.89 -1.22 -23.20
C ILE B 247 10.34 -1.45 -23.62
N ALA B 248 11.29 -0.85 -22.89
CA ALA B 248 12.73 -1.02 -23.23
C ALA B 248 13.54 -1.34 -21.97
N PRO B 249 14.03 -2.59 -21.78
CA PRO B 249 14.82 -2.92 -20.60
C PRO B 249 16.12 -2.09 -20.62
N MET B 250 16.52 -1.57 -19.46
CA MET B 250 17.73 -0.73 -19.35
C MET B 250 18.70 -1.35 -18.34
N CYS B 251 19.99 -1.37 -18.66
CA CYS B 251 21.04 -1.88 -17.74
C CYS B 251 20.64 -3.24 -17.17
N ALA B 252 20.32 -4.19 -18.06
CA ALA B 252 19.93 -5.54 -17.68
C ALA B 252 21.14 -6.44 -17.58
N GLU B 253 21.18 -7.28 -16.54
CA GLU B 253 22.31 -8.23 -16.32
C GLU B 253 21.74 -9.54 -15.79
N TYR B 254 22.41 -10.66 -16.06
CA TYR B 254 21.85 -11.98 -15.67
C TYR B 254 22.93 -12.83 -15.00
N ASN B 255 22.53 -13.80 -14.17
CA ASN B 255 23.48 -14.68 -13.44
C ASN B 255 22.89 -16.08 -13.33
N GLY B 256 23.68 -17.06 -12.87
CA GLY B 256 23.19 -18.44 -12.70
C GLY B 256 22.71 -19.12 -13.97
N LEU B 257 23.56 -19.22 -14.99
CA LEU B 257 23.20 -19.93 -16.24
C LEU B 257 22.95 -21.41 -15.94
N ARG B 258 21.92 -22.00 -16.54
CA ARG B 258 21.61 -23.44 -16.35
C ARG B 258 20.74 -23.93 -17.51
N LEU B 259 20.22 -25.15 -17.43
CA LEU B 259 19.32 -25.69 -18.48
C LEU B 259 18.09 -24.78 -18.63
N ALA B 260 17.49 -24.73 -19.82
CA ALA B 260 16.37 -23.85 -20.07
C ALA B 260 15.10 -24.39 -19.43
N GLY B 261 14.12 -23.50 -19.24
CA GLY B 261 12.83 -23.91 -18.65
C GLY B 261 12.42 -23.03 -17.49
N HIS B 262 11.29 -23.37 -16.85
CA HIS B 262 10.76 -22.59 -15.70
C HIS B 262 9.68 -23.42 -14.99
N GLY C 1 26.09 -1.10 48.59
CA GLY C 1 24.67 -0.79 48.62
C GLY C 1 24.39 0.69 48.55
N LEU C 2 24.22 1.22 47.35
CA LEU C 2 23.90 2.63 47.16
C LEU C 2 22.46 2.89 47.56
N PRO C 3 22.18 3.85 48.43
CA PRO C 3 20.80 4.10 48.85
C PRO C 3 20.01 4.89 47.81
N THR C 4 18.92 4.31 47.32
CA THR C 4 18.03 4.91 46.33
C THR C 4 16.62 4.97 46.87
N MET C 5 15.72 5.52 46.06
CA MET C 5 14.33 5.73 46.46
C MET C 5 13.47 5.78 45.23
N ASN C 6 12.39 4.99 45.21
CA ASN C 6 11.54 4.85 44.03
C ASN C 6 10.46 5.92 44.00
N THR C 7 10.37 6.61 42.90
CA THR C 7 9.39 7.66 42.69
C THR C 7 8.11 7.10 42.08
N PRO C 8 6.99 7.81 42.20
CA PRO C 8 5.77 7.35 41.53
C PRO C 8 5.96 7.28 40.03
N GLY C 9 5.40 6.25 39.42
CA GLY C 9 5.66 5.95 38.05
C GLY C 9 6.67 4.84 37.83
N SER C 10 6.77 3.90 38.76
CA SER C 10 7.67 2.77 38.64
C SER C 10 6.89 1.52 38.27
N CYS C 11 7.54 0.63 37.54
CA CYS C 11 6.96 -0.66 37.18
C CYS C 11 5.66 -0.51 36.39
N GLN C 12 5.59 0.58 35.61
CA GLN C 12 4.38 0.83 34.78
C GLN C 12 4.74 0.62 33.32
N PHE C 13 3.74 0.37 32.46
CA PHE C 13 4.01 0.25 31.01
C PHE C 13 3.41 1.46 30.29
N LEU C 14 4.23 2.18 29.53
CA LEU C 14 3.72 3.37 28.78
C LEU C 14 3.74 3.03 27.29
N THR C 15 2.61 3.22 26.60
CA THR C 15 2.53 2.91 25.15
C THR C 15 3.56 3.75 24.40
N SER C 16 4.03 4.85 25.02
CA SER C 16 4.98 5.75 24.30
C SER C 16 6.19 6.15 25.15
N ASP C 17 7.03 5.20 25.55
CA ASP C 17 8.23 5.52 26.30
C ASP C 17 9.48 5.10 25.53
N ASP C 18 10.63 5.61 25.99
CA ASP C 18 11.89 5.52 25.26
C ASP C 18 12.99 5.02 26.20
N PHE C 19 13.10 3.71 26.34
CA PHE C 19 14.05 3.12 27.27
C PHE C 19 14.88 2.08 26.53
N GLN C 20 15.98 1.67 27.16
CA GLN C 20 16.82 0.60 26.63
C GLN C 20 16.41 -0.73 27.24
N SER C 21 16.69 -1.80 26.52
CA SER C 21 16.23 -3.12 26.92
C SER C 21 17.25 -4.15 26.46
N PRO C 22 17.45 -5.22 27.21
CA PRO C 22 18.49 -6.18 26.86
C PRO C 22 18.09 -7.00 25.64
N SER C 23 18.98 -7.02 24.64
CA SER C 23 18.70 -7.75 23.41
C SER C 23 18.61 -9.24 23.67
N ALA C 24 17.65 -9.89 23.02
CA ALA C 24 17.43 -11.32 23.24
C ALA C 24 18.31 -12.17 22.35
N MET C 25 18.96 -11.58 21.34
CA MET C 25 19.84 -12.28 20.42
C MET C 25 21.18 -11.56 20.40
N PRO C 26 22.09 -11.89 21.31
CA PRO C 26 23.33 -11.13 21.42
C PRO C 26 24.32 -11.40 20.29
N GLN C 27 25.00 -10.34 19.89
CA GLN C 27 26.01 -10.38 18.83
C GLN C 27 25.43 -10.98 17.55
N TYR C 28 24.41 -10.29 17.03
CA TYR C 28 23.70 -10.69 15.79
C TYR C 28 24.19 -9.78 14.66
N ASP C 29 24.53 -10.37 13.52
CA ASP C 29 25.07 -9.64 12.38
C ASP C 29 23.95 -9.38 11.39
N VAL C 30 23.52 -8.12 11.30
CA VAL C 30 22.41 -7.72 10.38
C VAL C 30 22.94 -7.65 8.94
N THR C 31 22.05 -7.78 7.96
CA THR C 31 22.43 -7.73 6.52
C THR C 31 22.87 -6.31 6.16
N PRO C 32 23.91 -6.11 5.33
CA PRO C 32 24.36 -4.78 4.94
C PRO C 32 23.31 -4.08 4.06
N GLU C 33 22.93 -2.86 4.44
CA GLU C 33 21.93 -2.10 3.70
C GLU C 33 22.33 -1.94 2.25
N MET C 34 21.34 -2.07 1.36
CA MET C 34 21.49 -1.70 -0.04
C MET C 34 20.65 -0.46 -0.31
N ARG C 35 20.99 0.24 -1.37
CA ARG C 35 20.30 1.47 -1.75
C ARG C 35 19.05 1.11 -2.54
N ILE C 36 17.90 1.19 -1.90
CA ILE C 36 16.61 1.01 -2.56
C ILE C 36 16.11 2.40 -2.92
N PRO C 37 15.52 2.62 -4.10
CA PRO C 37 15.12 3.97 -4.47
C PRO C 37 13.92 4.47 -3.69
N GLY C 38 13.87 5.78 -3.48
CA GLY C 38 12.68 6.42 -2.98
C GLY C 38 12.44 6.29 -1.50
N GLU C 39 13.35 6.81 -0.69
CA GLU C 39 13.27 6.68 0.76
C GLU C 39 12.43 7.80 1.35
N VAL C 40 11.58 7.43 2.29
CA VAL C 40 10.72 8.38 3.00
C VAL C 40 11.37 8.71 4.33
N LYS C 41 11.55 10.00 4.60
CA LYS C 41 12.09 10.45 5.86
C LYS C 41 11.09 11.21 6.72
N ASN C 42 9.97 11.63 6.14
CA ASN C 42 8.95 12.40 6.82
C ASN C 42 7.63 12.11 6.13
N LEU C 43 6.54 12.23 6.87
CA LEU C 43 5.23 12.01 6.26
C LEU C 43 4.76 13.22 5.45
N MET C 44 5.39 14.38 5.62
CA MET C 44 5.03 15.56 4.84
C MET C 44 5.71 15.59 3.48
N GLU C 45 6.26 14.46 3.03
CA GLU C 45 6.64 14.29 1.64
C GLU C 45 5.64 13.44 0.88
N ILE C 46 4.84 12.65 1.60
CA ILE C 46 3.72 11.93 1.01
C ILE C 46 2.54 12.86 0.83
N ALA C 47 2.47 13.94 1.60
CA ALA C 47 1.32 14.84 1.53
C ALA C 47 1.48 15.93 0.49
N GLU C 48 2.70 16.27 0.11
CA GLU C 48 2.91 17.31 -0.89
C GLU C 48 2.69 16.84 -2.31
N VAL C 49 2.12 15.65 -2.49
CA VAL C 49 1.86 15.11 -3.87
C VAL C 49 0.38 15.31 -4.24
N ASP C 50 0.10 15.48 -5.52
CA ASP C 50 -1.29 15.70 -6.00
C ASP C 50 -2.10 14.40 -5.89
N SER C 51 -3.41 14.50 -5.64
CA SER C 51 -4.30 13.32 -5.57
C SER C 51 -5.66 13.71 -6.13
N VAL C 52 -6.23 12.91 -7.04
CA VAL C 52 -7.53 13.31 -7.67
C VAL C 52 -8.58 13.41 -6.57
N VAL C 53 -9.41 14.46 -6.59
CA VAL C 53 -10.40 14.68 -5.50
C VAL C 53 -11.79 14.22 -5.96
N PRO C 54 -12.51 13.30 -5.27
CA PRO C 54 -13.89 12.96 -5.67
C PRO C 54 -14.90 14.05 -5.29
N VAL C 55 -15.07 15.04 -6.17
CA VAL C 55 -16.00 16.13 -5.90
C VAL C 55 -17.43 15.70 -6.15
N GLN C 56 -17.66 14.88 -7.16
CA GLN C 56 -19.02 14.45 -7.48
C GLN C 56 -19.37 13.15 -6.78
N ASN C 57 -19.29 13.18 -5.45
CA ASN C 57 -19.54 11.98 -4.65
C ASN C 57 -21.01 11.91 -4.25
N VAL C 58 -21.87 12.05 -5.25
CA VAL C 58 -23.30 12.17 -5.05
C VAL C 58 -23.98 10.89 -5.48
N GLY C 59 -24.91 10.38 -4.66
CA GLY C 59 -25.67 9.19 -5.04
C GLY C 59 -24.81 7.94 -5.23
N GLU C 60 -24.85 7.33 -6.42
CA GLU C 60 -24.11 6.07 -6.67
C GLU C 60 -22.82 6.35 -7.42
N LYS C 61 -22.45 7.63 -7.56
CA LYS C 61 -21.21 8.02 -8.28
C LYS C 61 -20.00 7.48 -7.51
N VAL C 62 -20.10 7.33 -6.19
CA VAL C 62 -18.97 6.84 -5.35
C VAL C 62 -18.60 5.41 -5.75
N ASN C 63 -19.54 4.66 -6.33
CA ASN C 63 -19.30 3.26 -6.77
C ASN C 63 -18.86 3.28 -8.23
N SER C 64 -18.49 4.45 -8.76
CA SER C 64 -18.08 4.58 -10.18
C SER C 64 -16.88 5.50 -10.30
N MET C 65 -16.27 5.58 -11.48
CA MET C 65 -15.15 6.53 -11.71
C MET C 65 -15.73 7.92 -11.95
N GLU C 66 -17.06 8.03 -12.03
CA GLU C 66 -17.75 9.32 -12.28
C GLU C 66 -17.54 10.29 -11.12
N ALA C 67 -17.22 9.80 -9.93
CA ALA C 67 -17.12 10.69 -8.75
C ALA C 67 -16.04 11.75 -8.97
N TYR C 68 -14.91 11.36 -9.55
CA TYR C 68 -13.76 12.29 -9.76
C TYR C 68 -14.14 13.42 -10.73
N GLN C 69 -14.95 13.13 -11.75
CA GLN C 69 -15.25 14.12 -12.83
C GLN C 69 -16.17 15.27 -12.40
N ILE C 70 -15.87 16.51 -12.81
CA ILE C 70 -16.73 17.66 -12.59
C ILE C 70 -17.35 18.05 -13.94
N PRO C 71 -18.66 17.90 -14.12
CA PRO C 71 -19.26 18.15 -15.43
C PRO C 71 -19.50 19.63 -15.69
N VAL C 72 -18.92 20.11 -16.81
CA VAL C 72 -19.12 21.51 -17.29
C VAL C 72 -19.80 21.41 -18.66
N ARG C 73 -20.57 22.42 -19.04
CA ARG C 73 -21.27 22.34 -20.36
C ARG C 73 -21.57 23.74 -20.87
N SER C 74 -22.26 23.82 -22.02
CA SER C 74 -22.63 25.11 -22.64
C SER C 74 -24.09 25.43 -22.27
N ASN C 75 -24.32 26.56 -21.61
CA ASN C 75 -25.70 26.94 -21.17
C ASN C 75 -26.02 28.35 -21.64
N GLU C 76 -27.31 28.67 -21.79
CA GLU C 76 -27.76 30.01 -22.25
C GLU C 76 -27.77 30.99 -21.07
N GLY C 77 -26.69 31.02 -20.29
CA GLY C 77 -26.60 31.95 -19.18
C GLY C 77 -25.16 32.19 -18.82
N SER C 78 -24.95 32.79 -17.65
CA SER C 78 -23.61 33.01 -17.16
C SER C 78 -23.66 33.26 -15.66
N GLY C 79 -22.57 32.95 -14.97
CA GLY C 79 -22.51 33.14 -13.51
C GLY C 79 -23.10 31.97 -12.76
N THR C 80 -23.40 30.87 -13.46
CA THR C 80 -23.97 29.65 -12.83
C THR C 80 -22.88 28.95 -12.01
N GLN C 81 -23.26 28.22 -10.97
CA GLN C 81 -22.27 27.56 -10.13
C GLN C 81 -21.86 26.23 -10.71
N VAL C 82 -20.56 25.96 -10.69
CA VAL C 82 -20.06 24.65 -11.11
C VAL C 82 -20.07 23.72 -9.90
N PHE C 83 -19.29 24.04 -8.88
CA PHE C 83 -19.22 23.23 -7.68
C PHE C 83 -18.94 24.13 -6.48
N GLY C 84 -18.98 23.52 -5.30
CA GLY C 84 -18.57 24.18 -4.07
C GLY C 84 -18.53 23.19 -2.92
N PHE C 85 -17.56 23.36 -2.02
CA PHE C 85 -17.44 22.49 -0.87
C PHE C 85 -16.68 23.22 0.23
N PRO C 86 -16.82 22.82 1.48
CA PRO C 86 -16.13 23.52 2.57
C PRO C 86 -14.67 23.14 2.67
N LEU C 87 -13.93 23.95 3.41
CA LEU C 87 -12.50 23.69 3.63
C LEU C 87 -12.33 22.97 4.96
N GLN C 88 -12.43 21.65 4.88
CA GLN C 88 -12.21 20.76 6.02
C GLN C 88 -11.40 19.60 5.48
N PRO C 89 -10.07 19.72 5.49
CA PRO C 89 -9.26 18.72 4.79
C PRO C 89 -9.33 17.33 5.38
N GLY C 90 -9.58 17.20 6.67
CA GLY C 90 -9.58 15.89 7.26
C GLY C 90 -10.97 15.29 7.41
N TYR C 91 -11.98 16.15 7.50
CA TYR C 91 -13.32 15.72 7.88
C TYR C 91 -14.32 15.72 6.73
N SER C 92 -14.18 16.67 5.80
CA SER C 92 -15.14 16.78 4.67
C SER C 92 -15.14 15.48 3.86
N SER C 93 -16.33 14.96 3.52
CA SER C 93 -16.43 13.73 2.68
C SER C 93 -15.57 13.91 1.43
N VAL C 94 -15.44 15.15 0.94
CA VAL C 94 -14.70 15.40 -0.34
C VAL C 94 -13.21 15.07 -0.17
N PHE C 95 -12.61 15.37 0.98
CA PHE C 95 -11.14 15.17 1.13
C PHE C 95 -10.79 14.01 2.07
N SER C 96 -11.76 13.45 2.80
CA SER C 96 -11.41 12.40 3.79
C SER C 96 -10.57 11.27 3.20
N ARG C 97 -10.80 10.90 1.93
CA ARG C 97 -10.10 9.73 1.33
C ARG C 97 -8.86 10.08 0.49
N THR C 98 -8.43 11.34 0.40
CA THR C 98 -7.23 11.67 -0.43
C THR C 98 -5.94 11.43 0.37
N LEU C 99 -4.78 11.40 -0.28
CA LEU C 99 -3.52 11.08 0.47
C LEU C 99 -3.38 12.03 1.66
N LEU C 100 -3.43 13.33 1.40
CA LEU C 100 -3.24 14.33 2.48
C LEU C 100 -4.33 14.15 3.55
N GLY C 101 -5.58 13.95 3.12
CA GLY C 101 -6.69 13.79 4.08
C GLY C 101 -6.50 12.55 4.94
N GLU C 102 -6.08 11.44 4.34
CA GLU C 102 -5.84 10.19 5.10
C GLU C 102 -4.69 10.40 6.10
N ILE C 103 -3.64 11.12 5.68
CA ILE C 103 -2.51 11.42 6.62
C ILE C 103 -3.04 12.26 7.80
N LEU C 104 -3.92 13.23 7.51
CA LEU C 104 -4.45 14.12 8.58
C LEU C 104 -5.25 13.29 9.59
N ASN C 105 -5.86 12.19 9.15
CA ASN C 105 -6.75 11.40 10.05
C ASN C 105 -5.93 10.72 11.16
N TYR C 106 -4.59 10.81 11.07
CA TYR C 106 -3.73 10.25 12.15
C TYR C 106 -3.24 11.38 13.05
N TYR C 107 -3.77 12.60 12.86
CA TYR C 107 -3.30 13.77 13.64
C TYR C 107 -4.49 14.60 14.12
N THR C 108 -4.29 15.41 15.17
CA THR C 108 -5.40 16.23 15.72
C THR C 108 -5.30 17.67 15.18
N HIS C 109 -4.09 18.22 15.05
CA HIS C 109 -4.00 19.60 14.59
C HIS C 109 -3.31 19.66 13.23
N TRP C 110 -3.75 20.60 12.40
CA TRP C 110 -3.14 20.83 11.09
C TRP C 110 -3.01 22.32 10.87
N SER C 111 -1.95 22.74 10.16
CA SER C 111 -1.75 24.20 9.94
C SER C 111 -0.86 24.48 8.73
N GLY C 112 -1.44 25.05 7.67
CA GLY C 112 -0.67 25.47 6.53
C GLY C 112 -1.58 25.89 5.40
N SER C 113 -1.01 25.98 4.21
CA SER C 113 -1.75 26.33 3.01
C SER C 113 -2.13 25.07 2.24
N ILE C 114 -2.97 25.23 1.23
CA ILE C 114 -3.51 24.09 0.48
C ILE C 114 -3.54 24.45 -1.00
N LYS C 115 -2.91 23.63 -1.83
CA LYS C 115 -2.92 23.86 -3.27
C LYS C 115 -4.04 23.05 -3.91
N LEU C 116 -4.78 23.69 -4.81
CA LEU C 116 -5.84 23.04 -5.57
C LEU C 116 -5.59 23.25 -7.05
N THR C 117 -5.24 22.17 -7.76
CA THR C 117 -4.93 22.25 -9.21
C THR C 117 -6.12 21.72 -10.01
N PHE C 118 -6.49 22.42 -11.09
CA PHE C 118 -7.63 22.00 -11.94
C PHE C 118 -7.12 21.77 -13.37
N MET C 119 -7.46 20.62 -13.95
CA MET C 119 -7.04 20.29 -15.34
C MET C 119 -8.29 20.20 -16.22
N PHE C 120 -8.30 20.93 -17.35
CA PHE C 120 -9.45 20.91 -18.28
C PHE C 120 -9.35 19.66 -19.16
N CYS C 121 -10.43 18.88 -19.26
CA CYS C 121 -10.40 17.65 -20.02
C CYS C 121 -11.44 17.66 -21.13
N GLY C 122 -11.53 18.75 -21.89
CA GLY C 122 -12.39 18.85 -23.02
C GLY C 122 -11.63 18.80 -24.33
N SER C 123 -12.34 19.13 -25.41
CA SER C 123 -11.72 19.13 -26.72
C SER C 123 -10.63 20.18 -26.78
N ALA C 124 -9.81 20.11 -27.82
CA ALA C 124 -8.82 21.15 -28.06
C ALA C 124 -9.40 22.34 -28.80
N MET C 125 -10.71 22.31 -29.05
CA MET C 125 -11.38 23.43 -29.76
C MET C 125 -12.26 24.20 -28.77
N ALA C 126 -12.72 23.51 -27.71
CA ALA C 126 -13.57 24.14 -26.68
C ALA C 126 -12.74 25.15 -25.87
N THR C 127 -13.32 26.30 -25.54
CA THR C 127 -12.63 27.35 -24.76
C THR C 127 -13.60 27.94 -23.72
N GLY C 128 -13.06 28.53 -22.65
CA GLY C 128 -13.91 29.14 -21.61
C GLY C 128 -13.08 29.75 -20.48
N LYS C 129 -13.74 30.43 -19.54
CA LYS C 129 -13.10 31.04 -18.40
C LYS C 129 -13.89 30.70 -17.16
N PHE C 130 -13.16 30.46 -16.06
CA PHE C 130 -13.81 30.07 -14.79
C PHE C 130 -13.31 30.97 -13.66
N LEU C 131 -14.14 31.18 -12.64
CA LEU C 131 -13.80 32.00 -11.45
C LEU C 131 -13.71 31.07 -10.23
N LEU C 132 -12.50 30.89 -9.70
CA LEU C 132 -12.29 30.00 -8.55
C LEU C 132 -12.13 30.87 -7.33
N ALA C 133 -12.98 30.68 -6.33
CA ALA C 133 -13.02 31.60 -5.21
C ALA C 133 -13.01 30.87 -3.88
N TYR C 134 -12.41 31.51 -2.89
CA TYR C 134 -12.32 31.04 -1.52
C TYR C 134 -12.85 32.12 -0.59
N SER C 135 -13.82 31.76 0.25
CA SER C 135 -14.46 32.75 1.17
C SER C 135 -14.15 32.41 2.63
N PRO C 136 -13.60 33.34 3.43
CA PRO C 136 -13.31 33.10 4.85
C PRO C 136 -14.61 33.00 5.66
N PRO C 137 -14.66 32.22 6.76
CA PRO C 137 -15.87 32.08 7.57
C PRO C 137 -16.33 33.39 8.22
N GLY C 138 -17.65 33.52 8.46
CA GLY C 138 -18.24 34.68 9.07
C GLY C 138 -19.62 34.93 8.51
N ALA C 139 -19.73 34.77 7.20
CA ALA C 139 -20.99 34.82 6.50
C ALA C 139 -21.06 33.60 5.59
N GLY C 140 -22.27 33.07 5.42
CA GLY C 140 -22.44 31.77 4.83
C GLY C 140 -21.91 31.59 3.42
N ALA C 141 -22.18 30.44 2.83
CA ALA C 141 -21.70 30.17 1.48
C ALA C 141 -22.22 31.23 0.52
N PRO C 142 -21.36 31.80 -0.33
CA PRO C 142 -21.85 32.73 -1.34
C PRO C 142 -22.80 32.04 -2.31
N THR C 143 -23.92 32.71 -2.59
CA THR C 143 -24.95 32.14 -3.44
C THR C 143 -24.95 32.69 -4.85
N LYS C 144 -24.04 33.64 -5.13
CA LYS C 144 -23.97 34.27 -6.47
C LYS C 144 -22.50 34.48 -6.86
N ARG C 145 -22.21 34.62 -8.16
CA ARG C 145 -20.83 34.90 -8.61
C ARG C 145 -20.38 36.23 -8.00
N VAL C 146 -21.30 37.20 -7.94
CA VAL C 146 -20.98 38.55 -7.37
C VAL C 146 -20.59 38.41 -5.88
N ASP C 147 -21.27 37.58 -5.09
CA ASP C 147 -20.84 37.50 -3.66
C ASP C 147 -19.48 36.81 -3.59
N ALA C 148 -19.24 35.84 -4.45
CA ALA C 148 -17.97 35.07 -4.45
C ALA C 148 -16.77 35.95 -4.82
N MET C 149 -16.95 36.91 -5.72
CA MET C 149 -15.83 37.77 -6.19
C MET C 149 -15.25 38.55 -5.01
N LEU C 150 -16.07 38.92 -4.04
CA LEU C 150 -15.58 39.75 -2.91
C LEU C 150 -14.54 38.95 -2.11
N GLY C 151 -14.52 37.62 -2.24
CA GLY C 151 -13.46 36.82 -1.58
C GLY C 151 -12.30 36.50 -2.50
N THR C 152 -11.25 35.88 -1.95
CA THR C 152 -10.03 35.49 -2.71
C THR C 152 -10.44 34.69 -3.95
N HIS C 153 -10.10 35.17 -5.14
CA HIS C 153 -10.49 34.46 -6.38
C HIS C 153 -9.38 34.51 -7.43
N VAL C 154 -9.43 33.59 -8.40
CA VAL C 154 -8.46 33.51 -9.53
C VAL C 154 -9.26 33.25 -10.80
N VAL C 155 -9.04 34.06 -11.85
CA VAL C 155 -9.77 33.91 -13.10
C VAL C 155 -8.93 33.05 -14.03
N TRP C 156 -9.44 31.86 -14.35
CA TRP C 156 -8.70 30.85 -15.07
C TRP C 156 -9.16 30.85 -16.52
N ASP C 157 -8.20 31.00 -17.44
CA ASP C 157 -8.45 31.07 -18.87
C ASP C 157 -7.85 29.84 -19.53
N VAL C 158 -8.70 29.02 -20.15
CA VAL C 158 -8.27 27.73 -20.70
C VAL C 158 -7.59 27.95 -22.03
N GLY C 159 -6.40 27.40 -22.19
CA GLY C 159 -5.61 27.57 -23.40
C GLY C 159 -4.67 26.42 -23.59
N LEU C 160 -3.40 26.77 -23.87
CA LEU C 160 -2.29 25.80 -24.07
C LEU C 160 -1.98 25.10 -22.74
N GLN C 161 -1.91 25.87 -21.66
CA GLN C 161 -1.67 25.28 -20.32
C GLN C 161 -3.03 24.90 -19.74
N SER C 162 -3.36 23.61 -19.74
CA SER C 162 -4.70 23.15 -19.28
C SER C 162 -4.87 23.34 -17.77
N SER C 163 -3.82 23.07 -16.98
CA SER C 163 -3.93 23.16 -15.51
C SER C 163 -3.89 24.60 -15.00
N CYS C 164 -4.37 24.79 -13.76
CA CYS C 164 -4.41 26.10 -13.03
C CYS C 164 -4.29 25.78 -11.54
N VAL C 165 -3.73 26.70 -10.74
CA VAL C 165 -3.52 26.40 -9.33
C VAL C 165 -4.10 27.52 -8.48
N LEU C 166 -5.10 27.20 -7.68
CA LEU C 166 -5.63 28.12 -6.66
C LEU C 166 -4.99 27.73 -5.35
N CYS C 167 -4.23 28.65 -4.75
CA CYS C 167 -3.53 28.36 -3.52
C CYS C 167 -4.27 28.99 -2.36
N ILE C 168 -4.98 28.16 -1.59
CA ILE C 168 -5.74 28.60 -0.43
C ILE C 168 -4.76 28.93 0.68
N PRO C 169 -4.71 30.17 1.17
CA PRO C 169 -3.72 30.53 2.17
C PRO C 169 -4.22 30.29 3.58
N TRP C 170 -3.32 30.50 4.54
CA TRP C 170 -3.65 30.31 5.94
C TRP C 170 -4.21 31.61 6.47
N ILE C 171 -5.53 31.69 6.60
CA ILE C 171 -6.18 32.78 7.31
C ILE C 171 -6.89 32.15 8.50
N SER C 172 -6.34 32.35 9.69
CA SER C 172 -6.93 31.81 10.89
C SER C 172 -6.60 32.74 12.05
N GLN C 173 -7.44 32.71 13.08
CA GLN C 173 -7.15 33.45 14.29
C GLN C 173 -6.14 32.72 15.16
N THR C 174 -6.24 31.39 15.21
CA THR C 174 -5.35 30.56 15.98
C THR C 174 -4.11 30.18 15.15
N HIS C 175 -3.21 29.42 15.75
CA HIS C 175 -2.03 28.95 15.03
C HIS C 175 -2.28 27.62 14.35
N TYR C 176 -3.23 26.84 14.85
CA TYR C 176 -3.52 25.50 14.36
C TYR C 176 -5.03 25.35 14.25
N ARG C 177 -5.47 24.38 13.48
CA ARG C 177 -6.88 24.08 13.34
C ARG C 177 -7.14 22.65 13.75
N TYR C 178 -8.41 22.29 13.89
CA TYR C 178 -8.80 20.96 14.34
C TYR C 178 -9.13 20.10 13.14
N VAL C 179 -8.56 18.91 13.07
CA VAL C 179 -8.85 17.96 11.95
C VAL C 179 -10.32 17.52 12.06
N THR C 180 -10.81 17.32 13.29
CA THR C 180 -12.21 16.89 13.53
C THR C 180 -13.17 18.05 13.25
N SER C 181 -14.42 17.75 12.89
CA SER C 181 -15.43 18.81 12.62
C SER C 181 -15.58 19.68 13.87
N ASP C 182 -15.33 20.98 13.75
CA ASP C 182 -15.43 21.91 14.90
C ASP C 182 -16.05 23.22 14.42
N GLU C 183 -16.65 24.00 15.33
CA GLU C 183 -17.27 25.24 14.93
C GLU C 183 -16.41 26.45 15.28
N TYR C 184 -15.62 26.35 16.35
CA TYR C 184 -14.72 27.45 16.68
C TYR C 184 -13.69 27.65 15.59
N THR C 185 -13.02 26.59 15.18
CA THR C 185 -12.01 26.65 14.12
C THR C 185 -12.64 26.20 12.80
N ALA C 186 -13.39 27.10 12.20
CA ALA C 186 -14.03 26.81 10.93
C ALA C 186 -13.11 27.17 9.78
N GLY C 187 -13.33 26.52 8.64
CA GLY C 187 -12.43 26.66 7.52
C GLY C 187 -12.74 27.76 6.53
N GLY C 188 -13.93 27.71 5.93
CA GLY C 188 -14.27 28.59 4.85
C GLY C 188 -15.07 27.84 3.82
N PHE C 189 -15.14 28.38 2.61
CA PHE C 189 -15.85 27.71 1.53
C PHE C 189 -15.08 27.91 0.23
N ILE C 190 -15.11 26.91 -0.64
CA ILE C 190 -14.44 26.97 -1.94
C ILE C 190 -15.47 26.72 -3.02
N THR C 191 -15.65 27.72 -3.88
CA THR C 191 -16.68 27.63 -4.93
C THR C 191 -16.09 27.89 -6.31
N CYS C 192 -16.81 27.54 -7.36
CA CYS C 192 -16.39 27.73 -8.76
C CYS C 192 -17.60 28.17 -9.59
N TRP C 193 -17.48 29.27 -10.34
CA TRP C 193 -18.61 29.79 -11.14
C TRP C 193 -18.14 29.94 -12.59
N TYR C 194 -19.04 30.32 -13.50
CA TYR C 194 -18.62 30.57 -14.91
C TYR C 194 -18.27 32.05 -15.04
N GLN C 195 -16.98 32.36 -15.23
CA GLN C 195 -16.58 33.78 -15.45
C GLN C 195 -17.24 34.25 -16.74
N THR C 196 -17.24 33.41 -17.77
CA THR C 196 -17.94 33.73 -19.05
C THR C 196 -18.89 32.59 -19.38
N ASN C 197 -18.75 31.99 -20.56
CA ASN C 197 -19.58 30.80 -20.91
C ASN C 197 -18.68 29.85 -21.71
N ILE C 198 -18.94 28.54 -21.68
CA ILE C 198 -18.15 27.57 -22.51
C ILE C 198 -18.47 27.83 -23.99
N VAL C 199 -17.45 28.08 -24.81
CA VAL C 199 -17.65 28.33 -26.27
C VAL C 199 -17.22 27.07 -27.04
N VAL C 200 -18.14 26.47 -27.79
CA VAL C 200 -17.84 25.22 -28.55
C VAL C 200 -18.20 25.41 -30.03
N PRO C 201 -17.38 24.98 -31.02
CA PRO C 201 -17.78 25.09 -32.43
C PRO C 201 -18.68 23.91 -32.83
N ALA C 202 -18.99 23.79 -34.12
CA ALA C 202 -19.86 22.68 -34.59
C ALA C 202 -19.04 21.38 -34.73
N ASP C 203 -19.74 20.23 -34.74
CA ASP C 203 -19.11 18.91 -34.81
C ASP C 203 -18.08 18.70 -33.72
N ALA C 204 -18.29 19.33 -32.56
CA ALA C 204 -17.51 19.06 -31.36
C ALA C 204 -18.46 18.92 -30.18
N GLN C 205 -18.03 18.16 -29.18
CA GLN C 205 -18.83 17.87 -27.96
C GLN C 205 -18.89 19.10 -27.06
N SER C 206 -20.10 19.47 -26.61
CA SER C 206 -20.29 20.63 -25.77
C SER C 206 -20.35 20.29 -24.28
N SER C 207 -20.10 19.05 -23.90
CA SER C 207 -20.20 18.60 -22.52
C SER C 207 -18.84 18.07 -22.10
N CYS C 208 -18.12 18.84 -21.30
CA CYS C 208 -16.75 18.55 -20.93
C CYS C 208 -16.65 18.22 -19.45
N TYR C 209 -15.44 17.89 -19.00
CA TYR C 209 -15.18 17.55 -17.62
C TYR C 209 -13.94 18.29 -17.13
N ILE C 210 -13.89 18.56 -15.83
CA ILE C 210 -12.71 19.07 -15.16
C ILE C 210 -12.29 18.06 -14.11
N MET C 211 -11.01 18.08 -13.76
CA MET C 211 -10.47 17.24 -12.71
C MET C 211 -9.71 18.09 -11.71
N CYS C 212 -9.76 17.70 -10.43
CA CYS C 212 -9.20 18.48 -9.35
C CYS C 212 -8.19 17.64 -8.58
N PHE C 213 -7.01 18.24 -8.32
CA PHE C 213 -5.95 17.57 -7.52
C PHE C 213 -5.71 18.44 -6.29
N VAL C 214 -5.42 17.82 -5.15
CA VAL C 214 -5.19 18.57 -3.87
C VAL C 214 -3.82 18.21 -3.32
N SER C 215 -3.09 19.20 -2.82
CA SER C 215 -1.80 18.95 -2.17
C SER C 215 -1.57 20.02 -1.12
N ALA C 216 -0.43 19.93 -0.45
CA ALA C 216 -0.05 20.86 0.59
C ALA C 216 1.10 21.74 0.10
N CYS C 217 1.22 22.91 0.71
CA CYS C 217 2.29 23.83 0.38
C CYS C 217 3.53 23.44 1.18
N ASN C 218 4.55 24.31 1.15
CA ASN C 218 5.83 24.02 1.84
C ASN C 218 5.76 24.48 3.30
N ASP C 219 4.57 24.83 3.79
CA ASP C 219 4.43 25.34 5.19
C ASP C 219 3.38 24.53 5.96
N PHE C 220 3.16 23.27 5.57
CA PHE C 220 2.15 22.44 6.22
C PHE C 220 2.76 21.73 7.43
N SER C 221 1.94 21.58 8.47
CA SER C 221 2.38 20.89 9.67
C SER C 221 1.19 20.21 10.32
N VAL C 222 1.48 19.20 11.14
CA VAL C 222 0.47 18.42 11.84
C VAL C 222 0.97 18.12 13.25
N ARG C 223 0.05 17.77 14.16
CA ARG C 223 0.40 17.46 15.57
C ARG C 223 -0.62 16.49 16.20
N LEU C 224 -0.29 16.05 17.42
CA LEU C 224 -1.06 15.12 18.28
C LEU C 224 -1.40 13.82 17.55
N LEU C 225 -0.47 12.86 17.58
CA LEU C 225 -0.72 11.54 16.91
C LEU C 225 -1.94 10.91 17.56
N LYS C 226 -2.86 10.40 16.74
CA LYS C 226 -4.09 9.73 17.25
C LYS C 226 -4.41 8.52 16.37
N ASP C 227 -5.55 7.89 16.59
CA ASP C 227 -5.93 6.68 15.81
C ASP C 227 -6.97 7.02 14.76
N THR C 228 -6.76 6.56 13.52
CA THR C 228 -7.68 6.84 12.44
C THR C 228 -9.05 6.22 12.74
N PRO C 229 -10.14 6.92 12.43
CA PRO C 229 -11.47 6.36 12.64
C PRO C 229 -11.95 5.47 11.52
N PHE C 230 -11.10 5.22 10.52
CA PHE C 230 -11.54 4.50 9.30
C PHE C 230 -11.43 2.97 9.41
N ILE C 231 -10.36 2.45 10.01
CA ILE C 231 -10.19 1.01 10.07
C ILE C 231 -10.99 0.43 11.23
N SER C 232 -11.51 -0.79 11.04
CA SER C 232 -12.31 -1.47 12.09
C SER C 232 -12.07 -2.97 12.01
N GLN C 233 -11.61 -3.59 13.10
CA GLN C 233 -11.32 -5.05 13.09
C GLN C 233 -12.35 -5.79 13.93
N GLN C 234 -13.16 -6.65 13.31
CA GLN C 234 -14.16 -7.46 14.07
C GLN C 234 -13.43 -8.47 14.97
N ASN C 235 -12.42 -9.16 14.44
CA ASN C 235 -11.71 -10.21 15.22
C ASN C 235 -10.32 -10.45 14.61
N PHE C 236 -9.42 -11.10 15.36
CA PHE C 236 -8.07 -11.42 14.82
C PHE C 236 -8.21 -12.21 13.51
N PHE C 237 -7.66 -11.66 12.42
CA PHE C 237 -7.76 -12.33 11.09
C PHE C 237 -6.94 -13.62 11.09
N GLY D 2 31.90 7.78 29.53
CA GLY D 2 31.67 8.22 28.17
C GLY D 2 30.21 8.49 27.85
N ALA D 3 29.74 9.66 28.24
CA ALA D 3 28.33 10.04 28.14
C ALA D 3 28.16 11.05 27.01
N GLN D 4 26.99 11.02 26.38
CA GLN D 4 26.66 11.94 25.30
C GLN D 4 25.64 12.94 25.80
N VAL D 5 25.91 14.23 25.57
CA VAL D 5 25.04 15.31 25.98
C VAL D 5 24.39 15.89 24.73
N SER D 6 23.06 15.94 24.72
CA SER D 6 22.35 16.46 23.56
C SER D 6 21.32 17.50 23.98
N THR D 7 20.55 18.02 23.03
CA THR D 7 19.60 19.08 23.30
C THR D 7 18.20 18.52 23.47
N GLN D 8 17.43 19.16 24.35
CA GLN D 8 16.05 18.75 24.56
C GLN D 8 15.14 19.44 23.56
N LYS D 9 13.96 18.85 23.37
CA LYS D 9 12.96 19.40 22.47
C LYS D 9 12.17 20.47 23.21
N THR D 10 12.39 21.73 22.86
CA THR D 10 11.71 22.84 23.51
C THR D 10 10.94 23.65 22.49
N GLY D 11 10.07 24.51 22.98
CA GLY D 11 9.37 25.43 22.11
C GLY D 11 10.26 26.58 21.68
N ALA D 12 9.76 27.37 20.74
CA ALA D 12 10.51 28.54 20.22
C ALA D 12 9.75 29.83 20.55
N HIS D 13 10.33 30.97 20.20
CA HIS D 13 9.70 32.30 20.47
C HIS D 13 9.27 32.39 21.94
N ILE D 25 17.89 23.66 26.54
CA ILE D 25 18.18 22.73 27.67
C ILE D 25 18.94 21.51 27.13
N HIS D 26 19.84 20.94 27.93
CA HIS D 26 20.60 19.74 27.50
C HIS D 26 20.24 18.53 28.38
N TYR D 27 20.40 17.32 27.84
CA TYR D 27 20.14 16.07 28.59
C TYR D 27 21.33 15.12 28.39
N THR D 28 21.50 14.15 29.30
CA THR D 28 22.61 13.22 29.26
C THR D 28 22.10 11.82 28.90
N ASN D 29 22.94 11.05 28.21
CA ASN D 29 22.57 9.71 27.80
C ASN D 29 23.80 8.82 27.76
N ILE D 30 23.68 7.61 28.30
CA ILE D 30 24.74 6.61 28.29
C ILE D 30 24.15 5.30 27.80
N ASN D 31 24.92 4.53 27.01
CA ASN D 31 24.47 3.20 26.50
C ASN D 31 24.94 2.12 27.48
N TYR D 32 24.01 1.34 28.04
CA TYR D 32 24.34 0.30 29.05
C TYR D 32 24.44 -1.12 28.46
N TYR D 33 24.21 -1.29 27.15
CA TYR D 33 24.29 -2.66 26.55
C TYR D 33 25.34 -2.69 25.44
N LYS D 34 25.69 -3.87 24.94
CA LYS D 34 26.70 -3.91 23.88
C LYS D 34 26.14 -4.43 22.56
N ASP D 35 24.92 -4.04 22.23
CA ASP D 35 24.21 -4.67 21.13
C ASP D 35 23.75 -3.74 20.04
N ALA D 36 23.63 -2.44 20.30
CA ALA D 36 23.31 -1.43 19.28
C ALA D 36 21.88 -1.56 18.78
N ALA D 37 21.19 -2.63 19.14
CA ALA D 37 19.76 -2.77 18.96
C ALA D 37 19.04 -2.71 20.28
N SER D 38 19.72 -2.26 21.33
CA SER D 38 19.14 -2.04 22.63
C SER D 38 18.92 -0.59 22.94
N ASN D 39 19.55 0.32 22.18
CA ASN D 39 19.44 1.73 22.49
C ASN D 39 18.01 2.22 22.31
N SER D 40 17.81 3.47 22.71
CA SER D 40 16.48 4.11 22.55
C SER D 40 16.30 4.47 21.08
N ALA D 41 15.09 4.91 20.74
CA ALA D 41 14.78 5.27 19.36
C ALA D 41 15.44 6.58 18.98
N ASN D 42 15.45 6.88 17.69
CA ASN D 42 16.06 8.09 17.16
C ASN D 42 14.95 9.07 16.79
N ARG D 43 14.53 9.87 17.77
CA ARG D 43 13.38 10.73 17.55
C ARG D 43 13.77 12.06 16.93
N GLN D 44 14.98 12.54 17.16
CA GLN D 44 15.40 13.84 16.66
C GLN D 44 16.23 13.67 15.38
N ASP D 45 15.54 13.33 14.29
CA ASP D 45 16.17 13.17 12.98
C ASP D 45 15.30 13.94 11.98
N PHE D 46 15.56 15.24 11.85
CA PHE D 46 14.71 16.13 11.06
C PHE D 46 15.41 16.41 9.74
N THR D 47 15.15 15.53 8.76
CA THR D 47 15.75 15.68 7.41
C THR D 47 14.67 15.32 6.38
N GLN D 48 14.44 16.20 5.38
CA GLN D 48 13.44 15.97 4.36
C GLN D 48 14.06 16.15 3.00
N ASP D 49 13.44 15.53 2.00
CA ASP D 49 13.85 15.65 0.61
C ASP D 49 12.70 15.25 -0.30
N PRO D 50 11.70 16.11 -0.49
CA PRO D 50 10.56 15.75 -1.34
C PRO D 50 10.79 15.92 -2.83
N GLY D 51 12.01 16.18 -3.26
CA GLY D 51 12.26 16.32 -4.68
C GLY D 51 12.15 15.04 -5.47
N LYS D 52 11.94 13.92 -4.76
CA LYS D 52 11.77 12.59 -5.40
C LYS D 52 10.30 12.44 -5.81
N PHE D 53 9.39 12.55 -4.84
CA PHE D 53 7.94 12.35 -5.13
C PHE D 53 7.44 13.56 -5.93
N THR D 54 7.54 14.77 -5.36
CA THR D 54 7.16 15.99 -6.12
C THR D 54 8.25 16.27 -7.16
N GLU D 55 7.90 16.95 -8.27
CA GLU D 55 8.90 17.34 -9.31
C GLU D 55 9.79 16.17 -9.76
N PRO D 56 9.25 14.99 -10.16
CA PRO D 56 10.08 13.83 -10.51
C PRO D 56 10.43 13.83 -12.00
N VAL D 57 10.61 15.01 -12.61
CA VAL D 57 10.87 15.08 -14.08
C VAL D 57 12.36 15.09 -14.44
N LYS D 58 12.68 14.98 -15.74
CA LYS D 58 14.04 14.99 -16.25
C LYS D 58 14.54 16.40 -16.50
N ASP D 59 13.78 17.16 -17.31
CA ASP D 59 14.13 18.57 -17.63
C ASP D 59 13.54 19.46 -16.53
N ILE D 60 14.37 20.25 -15.85
CA ILE D 60 13.88 21.07 -14.75
C ILE D 60 12.85 22.07 -15.24
N MET D 61 11.78 22.24 -14.47
CA MET D 61 10.69 23.14 -14.81
C MET D 61 10.71 24.33 -13.86
N ILE D 62 11.05 25.50 -14.39
CA ILE D 62 11.02 26.73 -13.61
C ILE D 62 9.57 27.11 -13.35
N LYS D 63 9.34 27.80 -12.23
CA LYS D 63 7.97 28.11 -11.83
C LYS D 63 7.34 29.17 -12.73
N SER D 64 8.09 30.23 -13.02
CA SER D 64 7.49 31.38 -13.72
C SER D 64 7.28 31.09 -15.20
N LEU D 65 8.19 30.34 -15.82
CA LEU D 65 8.09 30.05 -17.24
C LEU D 65 6.92 29.11 -17.50
N PRO D 66 6.44 29.04 -18.75
CA PRO D 66 5.38 28.09 -19.07
C PRO D 66 5.87 26.66 -19.00
N ALA D 67 4.93 25.75 -18.73
CA ALA D 67 5.28 24.33 -18.65
C ALA D 67 5.65 23.79 -20.03
N LEU D 68 4.75 23.97 -20.99
CA LEU D 68 4.96 23.43 -22.36
C LEU D 68 5.01 24.56 -23.38
N ASN D 69 6.21 24.92 -23.82
CA ASN D 69 6.38 25.97 -24.83
C ASN D 69 6.98 25.40 -26.11
N SER E 2 0.21 -24.26 3.74
CA SER E 2 -0.97 -23.49 3.24
C SER E 2 -1.63 -24.26 2.09
N ILE E 3 -2.84 -24.79 2.31
CA ILE E 3 -3.54 -25.58 1.26
C ILE E 3 -4.07 -24.63 0.18
N THR E 4 -3.71 -24.88 -1.08
CA THR E 4 -4.14 -24.00 -2.21
C THR E 4 -5.65 -24.15 -2.47
N THR E 5 -6.32 -23.08 -2.93
CA THR E 5 -7.77 -23.14 -3.28
C THR E 5 -8.62 -23.71 -2.13
N PRO E 6 -8.59 -23.15 -0.90
CA PRO E 6 -9.34 -23.73 0.22
C PRO E 6 -10.84 -23.79 -0.12
N GLU E 7 -11.38 -22.74 -0.75
CA GLU E 7 -12.80 -22.79 -1.19
C GLU E 7 -12.87 -23.31 -2.63
N GLU E 8 -13.44 -24.50 -2.83
CA GLU E 8 -13.50 -25.12 -4.18
C GLU E 8 -14.79 -25.93 -4.35
N MET E 9 -15.33 -26.00 -5.56
CA MET E 9 -16.56 -26.80 -5.86
C MET E 9 -16.23 -27.72 -7.04
N ILE E 10 -16.47 -29.03 -6.89
CA ILE E 10 -16.15 -30.01 -7.96
C ILE E 10 -17.44 -30.70 -8.43
N GLU E 11 -17.77 -30.55 -9.71
CA GLU E 11 -18.98 -31.23 -10.27
C GLU E 11 -18.52 -32.49 -11.02
N LYS E 12 -18.92 -33.66 -10.53
CA LYS E 12 -18.51 -34.95 -11.15
C LYS E 12 -19.76 -35.79 -11.46
N ALA E 13 -19.81 -36.38 -12.66
CA ALA E 13 -20.96 -37.22 -13.08
C ALA E 13 -20.96 -38.55 -12.30
N LYS E 14 -22.15 -39.14 -12.16
CA LYS E 14 -22.29 -40.43 -11.43
C LYS E 14 -21.68 -41.55 -12.26
N GLY E 15 -21.12 -42.56 -11.60
CA GLY E 15 -20.48 -43.69 -12.29
C GLY E 15 -19.04 -43.40 -12.66
N GLU E 16 -18.57 -42.20 -12.30
CA GLU E 16 -17.18 -41.75 -12.56
C GLU E 16 -16.51 -41.53 -11.19
N THR E 17 -15.29 -42.04 -11.00
CA THR E 17 -14.62 -41.86 -9.69
C THR E 17 -14.45 -40.35 -9.45
N ALA E 18 -14.83 -39.87 -8.26
CA ALA E 18 -14.66 -38.44 -7.93
C ALA E 18 -13.21 -38.20 -7.47
N TYR E 19 -12.50 -37.27 -8.12
CA TYR E 19 -11.12 -36.95 -7.66
C TYR E 19 -11.12 -35.69 -6.81
N LEU E 20 -10.72 -35.80 -5.53
CA LEU E 20 -10.63 -34.62 -4.63
C LEU E 20 -9.14 -34.33 -4.36
N PRO E 21 -8.62 -33.13 -4.68
CA PRO E 21 -7.23 -32.80 -4.43
C PRO E 21 -6.95 -31.86 -3.24
N CYS E 22 -6.12 -32.30 -2.29
CA CYS E 22 -5.73 -31.34 -1.20
C CYS E 22 -4.22 -31.16 -1.08
N LYS E 23 -3.60 -30.46 -2.05
CA LYS E 23 -2.13 -30.24 -2.03
C LYS E 23 -1.80 -29.11 -1.05
N PHE E 24 -0.71 -29.24 -0.29
CA PHE E 24 -0.37 -28.22 0.74
C PHE E 24 1.14 -27.92 0.70
N THR E 25 1.54 -26.77 1.27
CA THR E 25 2.98 -26.39 1.33
C THR E 25 3.37 -26.14 2.78
N LEU E 26 4.15 -27.05 3.39
CA LEU E 26 4.52 -26.92 4.82
C LEU E 26 5.34 -25.65 5.04
N SER E 27 5.02 -24.90 6.11
CA SER E 27 5.79 -23.66 6.43
C SER E 27 7.15 -24.04 7.01
N PRO E 28 8.21 -23.22 6.84
CA PRO E 28 9.52 -23.49 7.46
C PRO E 28 9.33 -23.43 8.99
N GLU E 29 8.47 -22.52 9.47
CA GLU E 29 8.18 -22.41 10.92
C GLU E 29 7.54 -23.72 11.40
N ASP E 30 6.70 -24.35 10.56
CA ASP E 30 5.97 -25.58 10.99
C ASP E 30 6.89 -26.80 10.94
N GLN E 31 7.30 -27.32 12.12
CA GLN E 31 8.15 -28.53 12.16
C GLN E 31 7.59 -29.49 13.22
N GLY E 32 6.47 -30.15 12.95
CA GLY E 32 5.83 -31.00 13.97
C GLY E 32 5.32 -32.33 13.40
N PRO E 33 4.70 -33.27 14.17
CA PRO E 33 4.15 -34.49 13.59
C PRO E 33 3.00 -34.16 12.62
N LEU E 34 2.95 -34.86 11.47
CA LEU E 34 1.92 -34.54 10.44
C LEU E 34 0.65 -35.37 10.64
N ASP E 35 -0.52 -34.73 10.58
CA ASP E 35 -1.81 -35.47 10.65
C ASP E 35 -2.69 -34.99 9.49
N ILE E 36 -3.23 -35.92 8.69
CA ILE E 36 -4.16 -35.53 7.60
C ILE E 36 -5.53 -36.18 7.88
N GLU E 37 -6.59 -35.37 7.94
CA GLU E 37 -7.94 -35.91 8.27
C GLU E 37 -8.94 -35.47 7.20
N TRP E 38 -9.75 -36.40 6.69
CA TRP E 38 -10.80 -36.03 5.70
C TRP E 38 -12.18 -36.12 6.37
N LEU E 39 -12.95 -35.03 6.33
CA LEU E 39 -14.28 -35.01 6.99
C LEU E 39 -15.36 -35.04 5.92
N ILE E 40 -16.47 -35.76 6.14
CA ILE E 40 -17.61 -35.69 5.17
C ILE E 40 -18.82 -35.08 5.87
N SER E 41 -19.23 -33.87 5.46
CA SER E 41 -20.40 -33.19 6.07
C SER E 41 -21.56 -33.13 5.06
N GLN E 50 -18.30 -39.18 10.94
CA GLN E 50 -18.26 -38.00 10.04
C GLN E 50 -16.92 -37.99 9.29
N VAL E 51 -16.11 -39.03 9.48
CA VAL E 51 -14.79 -39.11 8.79
C VAL E 51 -14.83 -40.25 7.77
N ILE E 52 -14.16 -40.08 6.63
CA ILE E 52 -14.05 -41.19 5.64
C ILE E 52 -12.70 -41.89 5.79
N ILE E 53 -11.62 -41.12 6.02
CA ILE E 53 -10.25 -41.70 6.11
C ILE E 53 -9.44 -40.88 7.13
N LEU E 54 -8.39 -41.47 7.70
CA LEU E 54 -7.53 -40.75 8.68
C LEU E 54 -6.07 -41.14 8.51
N TYR E 55 -5.18 -40.15 8.38
CA TYR E 55 -3.71 -40.42 8.30
C TYR E 55 -3.06 -39.81 9.54
N SER E 56 -2.42 -40.63 10.38
CA SER E 56 -1.86 -40.10 11.66
C SER E 56 -0.68 -40.98 12.08
N GLY E 57 0.37 -40.36 12.61
CA GLY E 57 1.58 -41.14 13.00
C GLY E 57 2.07 -42.03 11.87
N ASP E 58 2.05 -41.53 10.64
CA ASP E 58 2.52 -42.28 9.43
C ASP E 58 1.73 -43.58 9.26
N LYS E 59 0.41 -43.55 9.53
CA LYS E 59 -0.44 -44.75 9.38
C LYS E 59 -1.77 -44.32 8.75
N ILE E 60 -2.29 -45.12 7.82
CA ILE E 60 -3.56 -44.82 7.10
C ILE E 60 -4.65 -45.75 7.63
N TYR E 61 -5.78 -45.19 8.06
CA TYR E 61 -6.91 -46.01 8.60
C TYR E 61 -8.12 -45.88 7.67
N ASP E 62 -8.65 -47.01 7.24
CA ASP E 62 -9.84 -47.05 6.33
C ASP E 62 -11.10 -47.28 7.18
N TYR E 64 -14.43 -46.25 8.72
CA TYR E 64 -14.91 -44.99 9.35
C TYR E 64 -16.32 -44.66 8.83
N TYR E 65 -16.47 -44.57 7.51
CA TYR E 65 -17.81 -44.31 6.92
C TYR E 65 -18.30 -45.60 6.25
N PRO E 66 -19.46 -46.17 6.66
CA PRO E 66 -19.91 -47.46 6.10
C PRO E 66 -20.21 -47.39 4.61
N ASP E 67 -20.88 -46.32 4.16
CA ASP E 67 -21.24 -46.17 2.72
C ASP E 67 -19.95 -46.06 1.89
N LEU E 68 -18.96 -45.32 2.37
CA LEU E 68 -17.72 -45.08 1.57
C LEU E 68 -16.61 -46.05 1.97
N LYS E 69 -16.92 -47.05 2.79
CA LYS E 69 -15.91 -48.07 3.16
C LYS E 69 -15.51 -48.82 1.88
N GLY E 70 -14.21 -49.01 1.64
CA GLY E 70 -13.74 -49.73 0.44
C GLY E 70 -13.87 -48.89 -0.82
N ARG E 71 -14.11 -47.58 -0.68
CA ARG E 71 -14.27 -46.69 -1.85
C ARG E 71 -13.27 -45.53 -1.74
N VAL E 72 -12.93 -45.13 -0.52
CA VAL E 72 -12.03 -43.95 -0.32
C VAL E 72 -10.58 -44.41 -0.10
N HIS E 73 -9.65 -43.93 -0.94
CA HIS E 73 -8.21 -44.27 -0.80
C HIS E 73 -7.38 -43.06 -1.23
N PHE E 74 -6.18 -42.89 -0.66
CA PHE E 74 -5.31 -41.74 -0.98
C PHE E 74 -4.73 -41.89 -2.40
N THR E 75 -4.45 -40.78 -3.08
CA THR E 75 -3.83 -40.83 -4.43
C THR E 75 -2.32 -41.05 -4.28
N SER E 76 -1.68 -40.38 -3.30
CA SER E 76 -0.22 -40.50 -3.10
C SER E 76 0.07 -41.38 -1.88
N LEU E 79 1.82 -38.01 0.61
CA LEU E 79 1.48 -37.51 1.97
C LEU E 79 2.71 -36.82 2.56
N LYS E 80 3.80 -37.57 2.73
CA LYS E 80 5.07 -37.01 3.28
C LYS E 80 5.59 -35.93 2.32
N SER E 81 5.49 -36.18 1.01
CA SER E 81 5.98 -35.23 -0.02
C SER E 81 5.22 -33.91 0.05
N GLY E 82 3.89 -33.97 0.24
CA GLY E 82 3.08 -32.73 0.33
C GLY E 82 1.75 -32.86 -0.38
N ASP E 83 1.42 -34.05 -0.86
CA ASP E 83 0.13 -34.28 -1.57
C ASP E 83 -0.75 -35.19 -0.70
N ALA E 84 -1.93 -34.71 -0.31
CA ALA E 84 -2.85 -35.50 0.54
C ALA E 84 -4.24 -35.53 -0.11
N SER E 85 -4.31 -36.04 -1.34
CA SER E 85 -5.60 -36.08 -2.09
C SER E 85 -6.22 -37.48 -1.99
N ILE E 86 -7.52 -37.60 -2.28
CA ILE E 86 -8.21 -38.92 -2.22
C ILE E 86 -8.96 -39.16 -3.55
N ASN E 87 -9.21 -40.42 -3.90
CA ASN E 87 -9.98 -40.73 -5.12
C ASN E 87 -11.19 -41.60 -4.75
N VAL E 88 -12.38 -40.99 -4.65
CA VAL E 88 -13.63 -41.73 -4.25
C VAL E 88 -14.20 -42.42 -5.49
N THR E 89 -15.08 -43.41 -5.31
CA THR E 89 -15.65 -44.16 -6.47
C THR E 89 -17.11 -44.55 -6.17
N ASN E 90 -17.81 -45.10 -7.15
CA ASN E 90 -19.22 -45.57 -6.95
C ASN E 90 -20.07 -44.43 -6.38
N LEU E 91 -20.00 -43.25 -7.00
CA LEU E 91 -20.81 -42.09 -6.54
C LEU E 91 -22.30 -42.44 -6.66
N GLN E 92 -23.12 -41.95 -5.72
CA GLN E 92 -24.58 -42.19 -5.82
C GLN E 92 -25.31 -40.84 -5.88
N ASP E 95 -23.53 -39.63 -2.73
CA ASP E 95 -22.28 -39.16 -2.07
C ASP E 95 -22.29 -37.63 -1.98
N ILE E 96 -23.37 -37.01 -2.47
CA ILE E 96 -23.49 -35.51 -2.44
C ILE E 96 -23.24 -35.02 -1.01
N GLY E 97 -22.23 -34.16 -0.84
CA GLY E 97 -21.88 -33.63 0.49
C GLY E 97 -20.66 -32.72 0.42
N THR E 98 -20.23 -32.17 1.55
CA THR E 98 -19.05 -31.27 1.56
C THR E 98 -17.91 -31.99 2.28
N TYR E 99 -16.75 -32.10 1.63
CA TYR E 99 -15.58 -32.80 2.23
C TYR E 99 -14.55 -31.75 2.68
N GLN E 100 -14.17 -31.80 3.96
CA GLN E 100 -13.19 -30.83 4.51
C GLN E 100 -11.86 -31.54 4.77
N CYS E 101 -10.82 -31.19 4.00
CA CYS E 101 -9.48 -31.80 4.17
C CYS E 101 -8.71 -30.96 5.20
N LYS E 102 -8.43 -31.53 6.38
CA LYS E 102 -7.72 -30.79 7.45
C LYS E 102 -6.33 -31.40 7.68
N VAL E 103 -5.28 -30.64 7.35
CA VAL E 103 -3.87 -31.11 7.53
C VAL E 103 -3.31 -30.39 8.76
N LYS E 104 -2.67 -31.13 9.67
CA LYS E 104 -2.21 -30.51 10.94
C LYS E 104 -0.69 -30.62 11.11
N LYS E 105 -0.04 -29.50 11.43
CA LYS E 105 1.41 -29.52 11.76
C LYS E 105 1.45 -28.92 13.15
N ALA E 106 2.43 -29.25 13.99
CA ALA E 106 2.33 -28.78 15.39
C ALA E 106 2.31 -27.24 15.48
N PRO E 107 3.17 -26.45 14.80
CA PRO E 107 3.08 -24.98 14.82
C PRO E 107 1.85 -24.36 14.11
N GLY E 108 1.45 -24.88 12.95
CA GLY E 108 0.36 -24.26 12.18
C GLY E 108 -0.58 -25.27 11.55
N VAL E 109 -1.83 -24.86 11.26
CA VAL E 109 -2.86 -25.80 10.70
C VAL E 109 -3.55 -25.15 9.51
N ALA E 110 -4.05 -25.94 8.55
CA ALA E 110 -4.79 -25.41 7.39
C ALA E 110 -5.91 -26.40 7.01
N ASN E 111 -6.91 -25.96 6.25
CA ASN E 111 -8.05 -26.84 5.86
C ASN E 111 -8.68 -26.38 4.54
N LYS E 112 -9.13 -27.33 3.71
CA LYS E 112 -9.77 -27.01 2.40
C LYS E 112 -11.13 -27.69 2.32
N LYS E 113 -12.17 -26.97 1.89
CA LYS E 113 -13.54 -27.56 1.79
C LYS E 113 -13.93 -27.69 0.32
N ILE E 114 -14.33 -28.90 -0.11
CA ILE E 114 -14.73 -29.14 -1.52
C ILE E 114 -16.20 -29.56 -1.56
N HIS E 115 -17.00 -28.91 -2.41
CA HIS E 115 -18.44 -29.26 -2.56
C HIS E 115 -18.61 -30.18 -3.77
N LEU E 116 -19.20 -31.36 -3.58
CA LEU E 116 -19.37 -32.32 -4.69
C LEU E 116 -20.86 -32.46 -5.01
N VAL E 117 -21.24 -32.24 -6.28
CA VAL E 117 -22.66 -32.38 -6.72
C VAL E 117 -22.80 -33.70 -7.49
N VAL E 118 -23.79 -34.53 -7.15
CA VAL E 118 -24.02 -35.85 -7.81
C VAL E 118 -22.70 -36.63 -7.83
C1 PLM F . 6.99 -6.79 8.29
O1 PLM F . 7.49 -5.73 8.71
O2 PLM F . 6.39 -6.90 7.20
C2 PLM F . 7.12 -8.04 9.15
C3 PLM F . 7.90 -7.84 10.42
C4 PLM F . 7.83 -9.06 11.33
C5 PLM F . 8.78 -9.04 12.49
C6 PLM F . 8.59 -10.17 13.47
C7 PLM F . 9.73 -10.39 14.43
C8 PLM F . 9.51 -11.52 15.39
C9 PLM F . 10.61 -11.72 16.41
CA PLM F . 10.27 -12.74 17.48
CB PLM F . 11.24 -12.79 18.62
CC PLM F . 10.67 -13.44 19.86
CD PLM F . 11.62 -13.51 21.04
CE PLM F . 10.98 -14.02 22.30
CF PLM F . 11.93 -14.52 23.36
CG PLM F . 11.23 -15.09 24.57
#